data_5WLE
# 
_entry.id   5WLE 
# 
_audit_conform.dict_name       mmcif_pdbx.dic 
_audit_conform.dict_version    5.379 
_audit_conform.dict_location   http://mmcif.pdb.org/dictionaries/ascii/mmcif_pdbx.dic 
# 
loop_
_database_2.database_id 
_database_2.database_code 
_database_2.pdbx_database_accession 
_database_2.pdbx_DOI 
PDB   5WLE         pdb_00005wle 10.2210/pdb5wle/pdb 
WWPDB D_1000228706 ?            ?                   
# 
_pdbx_database_status.status_code                     REL 
_pdbx_database_status.status_code_sf                  REL 
_pdbx_database_status.status_code_mr                  ? 
_pdbx_database_status.entry_id                        5WLE 
_pdbx_database_status.recvd_initial_deposition_date   2017-07-26 
_pdbx_database_status.SG_entry                        N 
_pdbx_database_status.deposit_site                    RCSB 
_pdbx_database_status.process_site                    RCSB 
_pdbx_database_status.status_code_cs                  ? 
_pdbx_database_status.methods_development_category    ? 
_pdbx_database_status.pdb_format_compatible           Y 
_pdbx_database_status.status_code_nmr_data            ? 
# 
loop_
_audit_author.name 
_audit_author.pdbx_ordinal 
_audit_author.identifier_ORCID 
'Klein, B.J.'       1 ? 
'Kutateladze, T.G.' 2 ? 
# 
_citation.abstract                  ? 
_citation.abstract_id_CAS           ? 
_citation.book_id_ISBN              ? 
_citation.book_publisher            ? 
_citation.book_publisher_city       ? 
_citation.book_title                ? 
_citation.coordinate_linkage        ? 
_citation.country                   UK 
_citation.database_id_Medline       ? 
_citation.details                   ? 
_citation.id                        primary 
_citation.journal_abbrev            Structure 
_citation.journal_id_ASTM           STRUE6 
_citation.journal_id_CSD            2005 
_citation.journal_id_ISSN           1878-4186 
_citation.journal_full              ? 
_citation.journal_issue             ? 
_citation.journal_volume            25 
_citation.language                  ? 
_citation.page_first                1530 
_citation.page_last                 1539.e3 
_citation.title                     'A Unique pH-Dependent Recognition of Methylated Histone H3K4 by PPS and DIDO.' 
_citation.year                      2017 
_citation.database_id_CSD           ? 
_citation.pdbx_database_id_DOI      10.1016/j.str.2017.08.009 
_citation.pdbx_database_id_PubMed   28919441 
_citation.unpublished_flag          ? 
# 
loop_
_citation_author.citation_id 
_citation_author.name 
_citation_author.ordinal 
_citation_author.identifier_ORCID 
primary 'Tencer, A.H.'      1 ? 
primary 'Gatchalian, J.'    2 ? 
primary 'Klein, B.J.'       3 ? 
primary 'Khan, A.'          4 ? 
primary 'Zhang, Y.'         5 ? 
primary 'Strahl, B.D.'      6 ? 
primary 'van Wely, K.H.M.'  7 ? 
primary 'Kutateladze, T.G.' 8 ? 
# 
_cell.angle_alpha                  90.00 
_cell.angle_alpha_esd              ? 
_cell.angle_beta                   94.77 
_cell.angle_beta_esd               ? 
_cell.angle_gamma                  90.00 
_cell.angle_gamma_esd              ? 
_cell.entry_id                     5WLE 
_cell.details                      ? 
_cell.formula_units_Z              ? 
_cell.length_a                     22.972 
_cell.length_a_esd                 ? 
_cell.length_b                     44.223 
_cell.length_b_esd                 ? 
_cell.length_c                     31.308 
_cell.length_c_esd                 ? 
_cell.volume                       ? 
_cell.volume_esd                   ? 
_cell.Z_PDB                        2 
_cell.reciprocal_angle_alpha       ? 
_cell.reciprocal_angle_beta        ? 
_cell.reciprocal_angle_gamma       ? 
_cell.reciprocal_angle_alpha_esd   ? 
_cell.reciprocal_angle_beta_esd    ? 
_cell.reciprocal_angle_gamma_esd   ? 
_cell.reciprocal_length_a          ? 
_cell.reciprocal_length_b          ? 
_cell.reciprocal_length_c          ? 
_cell.reciprocal_length_a_esd      ? 
_cell.reciprocal_length_b_esd      ? 
_cell.reciprocal_length_c_esd      ? 
_cell.pdbx_unique_axis             ? 
# 
_symmetry.entry_id                         5WLE 
_symmetry.cell_setting                     ? 
_symmetry.Int_Tables_number                4 
_symmetry.space_group_name_Hall            ? 
_symmetry.space_group_name_H-M             'P 1 21 1' 
_symmetry.pdbx_full_space_group_name_H-M   ? 
# 
loop_
_entity.id 
_entity.type 
_entity.src_method 
_entity.pdbx_description 
_entity.formula_weight 
_entity.pdbx_number_of_molecules 
_entity.pdbx_ec 
_entity.pdbx_mutation 
_entity.pdbx_fragment 
_entity.details 
1 polymer     man 'Protein partner of snf, isoform A' 7318.447 1  3.6.-.- ? 'UNP residues 904-965' ? 
2 polymer     syn 'H3K4me3 Peptide'                   1350.568 1  ?       ? ?                      ? 
3 non-polymer syn 'ZINC ION'                          65.409   2  ?       ? ?                      ? 
4 water       nat water                               18.015   79 ?       ? ?                      ? 
# 
loop_
_entity_poly.entity_id 
_entity_poly.type 
_entity_poly.nstd_linkage 
_entity_poly.nstd_monomer 
_entity_poly.pdbx_seq_one_letter_code 
_entity_poly.pdbx_seq_one_letter_code_can 
_entity_poly.pdbx_strand_id 
_entity_poly.pdbx_target_identifier 
1 'polypeptide(L)' no no  GDDDDPNKLWCICRQPHNNRFMICCDLCEDWFHGTCVGVTKAMGTDMENKGIDWKCPKCVKRQ 
GDDDDPNKLWCICRQPHNNRFMICCDLCEDWFHGTCVGVTKAMGTDMENKGIDWKCPKCVKRQ A ? 
2 'polypeptide(L)' no yes 'ART(M3L)QTARKSTG'                                              ARTKQTARKSTG C ? 
# 
loop_
_entity_poly_seq.entity_id 
_entity_poly_seq.num 
_entity_poly_seq.mon_id 
_entity_poly_seq.hetero 
1 1  GLY n 
1 2  ASP n 
1 3  ASP n 
1 4  ASP n 
1 5  ASP n 
1 6  PRO n 
1 7  ASN n 
1 8  LYS n 
1 9  LEU n 
1 10 TRP n 
1 11 CYS n 
1 12 ILE n 
1 13 CYS n 
1 14 ARG n 
1 15 GLN n 
1 16 PRO n 
1 17 HIS n 
1 18 ASN n 
1 19 ASN n 
1 20 ARG n 
1 21 PHE n 
1 22 MET n 
1 23 ILE n 
1 24 CYS n 
1 25 CYS n 
1 26 ASP n 
1 27 LEU n 
1 28 CYS n 
1 29 GLU n 
1 30 ASP n 
1 31 TRP n 
1 32 PHE n 
1 33 HIS n 
1 34 GLY n 
1 35 THR n 
1 36 CYS n 
1 37 VAL n 
1 38 GLY n 
1 39 VAL n 
1 40 THR n 
1 41 LYS n 
1 42 ALA n 
1 43 MET n 
1 44 GLY n 
1 45 THR n 
1 46 ASP n 
1 47 MET n 
1 48 GLU n 
1 49 ASN n 
1 50 LYS n 
1 51 GLY n 
1 52 ILE n 
1 53 ASP n 
1 54 TRP n 
1 55 LYS n 
1 56 CYS n 
1 57 PRO n 
1 58 LYS n 
1 59 CYS n 
1 60 VAL n 
1 61 LYS n 
1 62 ARG n 
1 63 GLN n 
2 1  ALA n 
2 2  ARG n 
2 3  THR n 
2 4  M3L n 
2 5  GLN n 
2 6  THR n 
2 7  ALA n 
2 8  ARG n 
2 9  LYS n 
2 10 SER n 
2 11 THR n 
2 12 GLY n 
# 
_entity_src_gen.entity_id                          1 
_entity_src_gen.pdbx_src_id                        1 
_entity_src_gen.pdbx_alt_source_flag               sample 
_entity_src_gen.pdbx_seq_type                      'Biological sequence' 
_entity_src_gen.pdbx_beg_seq_num                   1 
_entity_src_gen.pdbx_end_seq_num                   63 
_entity_src_gen.gene_src_common_name               'Fruit fly' 
_entity_src_gen.gene_src_genus                     ? 
_entity_src_gen.pdbx_gene_src_gene                 'pps, CG6525, Dmel_CG6525' 
_entity_src_gen.gene_src_species                   ? 
_entity_src_gen.gene_src_strain                    ? 
_entity_src_gen.gene_src_tissue                    ? 
_entity_src_gen.gene_src_tissue_fraction           ? 
_entity_src_gen.gene_src_details                   ? 
_entity_src_gen.pdbx_gene_src_fragment             ? 
_entity_src_gen.pdbx_gene_src_scientific_name      'Drosophila melanogaster' 
_entity_src_gen.pdbx_gene_src_ncbi_taxonomy_id     7227 
_entity_src_gen.pdbx_gene_src_variant              ? 
_entity_src_gen.pdbx_gene_src_cell_line            ? 
_entity_src_gen.pdbx_gene_src_atcc                 ? 
_entity_src_gen.pdbx_gene_src_organ                ? 
_entity_src_gen.pdbx_gene_src_organelle            ? 
_entity_src_gen.pdbx_gene_src_cell                 ? 
_entity_src_gen.pdbx_gene_src_cellular_location    ? 
_entity_src_gen.host_org_common_name               ? 
_entity_src_gen.pdbx_host_org_scientific_name      'Escherichia coli' 
_entity_src_gen.pdbx_host_org_ncbi_taxonomy_id     562 
_entity_src_gen.host_org_genus                     ? 
_entity_src_gen.pdbx_host_org_gene                 ? 
_entity_src_gen.pdbx_host_org_organ                ? 
_entity_src_gen.host_org_species                   ? 
_entity_src_gen.pdbx_host_org_tissue               ? 
_entity_src_gen.pdbx_host_org_tissue_fraction      ? 
_entity_src_gen.pdbx_host_org_strain               ? 
_entity_src_gen.pdbx_host_org_variant              ? 
_entity_src_gen.pdbx_host_org_cell_line            ? 
_entity_src_gen.pdbx_host_org_atcc                 ? 
_entity_src_gen.pdbx_host_org_culture_collection   ? 
_entity_src_gen.pdbx_host_org_cell                 ? 
_entity_src_gen.pdbx_host_org_organelle            ? 
_entity_src_gen.pdbx_host_org_cellular_location    ? 
_entity_src_gen.pdbx_host_org_vector_type          ? 
_entity_src_gen.pdbx_host_org_vector               ? 
_entity_src_gen.host_org_details                   ? 
_entity_src_gen.expression_system_id               ? 
_entity_src_gen.plasmid_name                       ? 
_entity_src_gen.plasmid_details                    ? 
_entity_src_gen.pdbx_description                   ? 
# 
_pdbx_entity_src_syn.entity_id              2 
_pdbx_entity_src_syn.pdbx_src_id            1 
_pdbx_entity_src_syn.pdbx_alt_source_flag   sample 
_pdbx_entity_src_syn.pdbx_beg_seq_num       1 
_pdbx_entity_src_syn.pdbx_end_seq_num       12 
_pdbx_entity_src_syn.organism_scientific    'Homo sapiens' 
_pdbx_entity_src_syn.organism_common_name   ? 
_pdbx_entity_src_syn.ncbi_taxonomy_id       9606 
_pdbx_entity_src_syn.details                ? 
# 
loop_
_struct_ref.id 
_struct_ref.db_name 
_struct_ref.db_code 
_struct_ref.pdbx_db_accession 
_struct_ref.pdbx_db_isoform 
_struct_ref.entity_id 
_struct_ref.pdbx_seq_one_letter_code 
_struct_ref.pdbx_align_begin 
1 UNP Q9VG78_DROME Q9VG78 ? 1 DDDDPNKLWCICRQPHNNRFMICCDLCEDWFHGTCVGVTKAMGTDMENKGIDWKCPKCVKRQ 904 
2 PDB 5WLE         5WLE   ? 2 ?                                                              1   
# 
loop_
_struct_ref_seq.align_id 
_struct_ref_seq.ref_id 
_struct_ref_seq.pdbx_PDB_id_code 
_struct_ref_seq.pdbx_strand_id 
_struct_ref_seq.seq_align_beg 
_struct_ref_seq.pdbx_seq_align_beg_ins_code 
_struct_ref_seq.seq_align_end 
_struct_ref_seq.pdbx_seq_align_end_ins_code 
_struct_ref_seq.pdbx_db_accession 
_struct_ref_seq.db_align_beg 
_struct_ref_seq.pdbx_db_align_beg_ins_code 
_struct_ref_seq.db_align_end 
_struct_ref_seq.pdbx_db_align_end_ins_code 
_struct_ref_seq.pdbx_auth_seq_align_beg 
_struct_ref_seq.pdbx_auth_seq_align_end 
1 1 5WLE A 2 ? 63 ? Q9VG78 904 ? 965 ? 904 965 
2 2 5WLE C 1 ? 12 ? 5WLE   1   ? 12  ? 1   12  
# 
_struct_ref_seq_dif.align_id                     1 
_struct_ref_seq_dif.pdbx_pdb_id_code             5WLE 
_struct_ref_seq_dif.mon_id                       GLY 
_struct_ref_seq_dif.pdbx_pdb_strand_id           A 
_struct_ref_seq_dif.seq_num                      1 
_struct_ref_seq_dif.pdbx_pdb_ins_code            ? 
_struct_ref_seq_dif.pdbx_seq_db_name             UNP 
_struct_ref_seq_dif.pdbx_seq_db_accession_code   Q9VG78 
_struct_ref_seq_dif.db_mon_id                    ? 
_struct_ref_seq_dif.pdbx_seq_db_seq_num          ? 
_struct_ref_seq_dif.details                      'expression tag' 
_struct_ref_seq_dif.pdbx_auth_seq_num            903 
_struct_ref_seq_dif.pdbx_ordinal                 1 
# 
loop_
_chem_comp.id 
_chem_comp.type 
_chem_comp.mon_nstd_flag 
_chem_comp.name 
_chem_comp.pdbx_synonyms 
_chem_comp.formula 
_chem_comp.formula_weight 
ALA 'L-peptide linking' y ALANINE           ? 'C3 H7 N O2'     89.093  
ARG 'L-peptide linking' y ARGININE          ? 'C6 H15 N4 O2 1' 175.209 
ASN 'L-peptide linking' y ASPARAGINE        ? 'C4 H8 N2 O3'    132.118 
ASP 'L-peptide linking' y 'ASPARTIC ACID'   ? 'C4 H7 N O4'     133.103 
CYS 'L-peptide linking' y CYSTEINE          ? 'C3 H7 N O2 S'   121.158 
GLN 'L-peptide linking' y GLUTAMINE         ? 'C5 H10 N2 O3'   146.144 
GLU 'L-peptide linking' y 'GLUTAMIC ACID'   ? 'C5 H9 N O4'     147.129 
GLY 'peptide linking'   y GLYCINE           ? 'C2 H5 N O2'     75.067  
HIS 'L-peptide linking' y HISTIDINE         ? 'C6 H10 N3 O2 1' 156.162 
HOH non-polymer         . WATER             ? 'H2 O'           18.015  
ILE 'L-peptide linking' y ISOLEUCINE        ? 'C6 H13 N O2'    131.173 
LEU 'L-peptide linking' y LEUCINE           ? 'C6 H13 N O2'    131.173 
LYS 'L-peptide linking' y LYSINE            ? 'C6 H15 N2 O2 1' 147.195 
M3L 'L-peptide linking' n N-TRIMETHYLLYSINE ? 'C9 H21 N2 O2 1' 189.275 
MET 'L-peptide linking' y METHIONINE        ? 'C5 H11 N O2 S'  149.211 
PHE 'L-peptide linking' y PHENYLALANINE     ? 'C9 H11 N O2'    165.189 
PRO 'L-peptide linking' y PROLINE           ? 'C5 H9 N O2'     115.130 
SER 'L-peptide linking' y SERINE            ? 'C3 H7 N O3'     105.093 
THR 'L-peptide linking' y THREONINE         ? 'C4 H9 N O3'     119.119 
TRP 'L-peptide linking' y TRYPTOPHAN        ? 'C11 H12 N2 O2'  204.225 
VAL 'L-peptide linking' y VALINE            ? 'C5 H11 N O2'    117.146 
ZN  non-polymer         . 'ZINC ION'        ? 'Zn 2'           65.409  
# 
_exptl.absorpt_coefficient_mu     ? 
_exptl.absorpt_correction_T_max   ? 
_exptl.absorpt_correction_T_min   ? 
_exptl.absorpt_correction_type    ? 
_exptl.absorpt_process_details    ? 
_exptl.entry_id                   5WLE 
_exptl.crystals_number            1 
_exptl.details                    ? 
_exptl.method                     'X-RAY DIFFRACTION' 
_exptl.method_details             ? 
# 
_exptl_crystal.colour                      ? 
_exptl_crystal.density_diffrn              ? 
_exptl_crystal.density_Matthews            1.82 
_exptl_crystal.density_method              ? 
_exptl_crystal.density_percent_sol         32.27 
_exptl_crystal.description                 ? 
_exptl_crystal.F_000                       ? 
_exptl_crystal.id                          1 
_exptl_crystal.preparation                 ? 
_exptl_crystal.size_max                    ? 
_exptl_crystal.size_mid                    ? 
_exptl_crystal.size_min                    ? 
_exptl_crystal.size_rad                    ? 
_exptl_crystal.colour_lustre               ? 
_exptl_crystal.colour_modifier             ? 
_exptl_crystal.colour_primary              ? 
_exptl_crystal.density_meas                ? 
_exptl_crystal.density_meas_esd            ? 
_exptl_crystal.density_meas_gt             ? 
_exptl_crystal.density_meas_lt             ? 
_exptl_crystal.density_meas_temp           ? 
_exptl_crystal.density_meas_temp_esd       ? 
_exptl_crystal.density_meas_temp_gt        ? 
_exptl_crystal.density_meas_temp_lt        ? 
_exptl_crystal.pdbx_crystal_image_url      ? 
_exptl_crystal.pdbx_crystal_image_format   ? 
_exptl_crystal.pdbx_mosaicity              ? 
_exptl_crystal.pdbx_mosaicity_esd          ? 
# 
_exptl_crystal_grow.apparatus       ? 
_exptl_crystal_grow.atmosphere      ? 
_exptl_crystal_grow.crystal_id      1 
_exptl_crystal_grow.details         ? 
_exptl_crystal_grow.method          'VAPOR DIFFUSION, HANGING DROP' 
_exptl_crystal_grow.method_ref      ? 
_exptl_crystal_grow.pH              8.4 
_exptl_crystal_grow.pressure        ? 
_exptl_crystal_grow.pressure_esd    ? 
_exptl_crystal_grow.seeding         ? 
_exptl_crystal_grow.seeding_ref     ? 
_exptl_crystal_grow.temp            277.15 
_exptl_crystal_grow.temp_details    ? 
_exptl_crystal_grow.temp_esd        ? 
_exptl_crystal_grow.time            ? 
_exptl_crystal_grow.pdbx_details    '0.1 mM Tris and 24% PEG 6,000' 
_exptl_crystal_grow.pdbx_pH_range   ? 
# 
_diffrn.ambient_environment    ? 
_diffrn.ambient_temp           100 
_diffrn.ambient_temp_details   ? 
_diffrn.ambient_temp_esd       ? 
_diffrn.crystal_id             1 
_diffrn.crystal_support        ? 
_diffrn.crystal_treatment      ? 
_diffrn.details                ? 
_diffrn.id                     1 
_diffrn.ambient_pressure       ? 
_diffrn.ambient_pressure_esd   ? 
_diffrn.ambient_pressure_gt    ? 
_diffrn.ambient_pressure_lt    ? 
_diffrn.ambient_temp_gt        ? 
_diffrn.ambient_temp_lt        ? 
# 
_diffrn_detector.details                      ? 
_diffrn_detector.detector                     PIXEL 
_diffrn_detector.diffrn_id                    1 
_diffrn_detector.type                         'DECTRIS PILATUS 200K' 
_diffrn_detector.area_resol_mean              ? 
_diffrn_detector.dtime                        ? 
_diffrn_detector.pdbx_frames_total            ? 
_diffrn_detector.pdbx_collection_time_total   ? 
_diffrn_detector.pdbx_collection_date         2016-08-10 
# 
_diffrn_radiation.collimation                      ? 
_diffrn_radiation.diffrn_id                        1 
_diffrn_radiation.filter_edge                      ? 
_diffrn_radiation.inhomogeneity                    ? 
_diffrn_radiation.monochromator                    ? 
_diffrn_radiation.polarisn_norm                    ? 
_diffrn_radiation.polarisn_ratio                   ? 
_diffrn_radiation.probe                            ? 
_diffrn_radiation.type                             ? 
_diffrn_radiation.xray_symbol                      ? 
_diffrn_radiation.wavelength_id                    1 
_diffrn_radiation.pdbx_monochromatic_or_laue_m_l   M 
_diffrn_radiation.pdbx_wavelength_list             ? 
_diffrn_radiation.pdbx_wavelength                  ? 
_diffrn_radiation.pdbx_diffrn_protocol             'SINGLE WAVELENGTH' 
_diffrn_radiation.pdbx_analyzer                    ? 
_diffrn_radiation.pdbx_scattering_type             x-ray 
# 
_diffrn_radiation_wavelength.id           1 
_diffrn_radiation_wavelength.wavelength   1.54 
_diffrn_radiation_wavelength.wt           1.0 
# 
_diffrn_source.current                     ? 
_diffrn_source.details                     ? 
_diffrn_source.diffrn_id                   1 
_diffrn_source.power                       ? 
_diffrn_source.size                        ? 
_diffrn_source.source                      'ROTATING ANODE' 
_diffrn_source.target                      ? 
_diffrn_source.type                        'RIGAKU MICROMAX-007' 
_diffrn_source.voltage                     ? 
_diffrn_source.take-off_angle              ? 
_diffrn_source.pdbx_wavelength_list        1.54 
_diffrn_source.pdbx_wavelength             ? 
_diffrn_source.pdbx_synchrotron_beamline   ? 
_diffrn_source.pdbx_synchrotron_site       ? 
# 
_reflns.B_iso_Wilson_estimate            ? 
_reflns.entry_id                         5WLE 
_reflns.data_reduction_details           ? 
_reflns.data_reduction_method            ? 
_reflns.d_resolution_high                1.952 
_reflns.d_resolution_low                 31.200 
_reflns.details                          ? 
_reflns.limit_h_max                      ? 
_reflns.limit_h_min                      ? 
_reflns.limit_k_max                      ? 
_reflns.limit_k_min                      ? 
_reflns.limit_l_max                      ? 
_reflns.limit_l_min                      ? 
_reflns.number_all                       ? 
_reflns.number_obs                       4556 
_reflns.observed_criterion               ? 
_reflns.observed_criterion_F_max         ? 
_reflns.observed_criterion_F_min         ? 
_reflns.observed_criterion_I_max         ? 
_reflns.observed_criterion_I_min         ? 
_reflns.observed_criterion_sigma_F       ? 
_reflns.observed_criterion_sigma_I       ? 
_reflns.percent_possible_obs             98.72 
_reflns.R_free_details                   ? 
_reflns.Rmerge_F_all                     ? 
_reflns.Rmerge_F_obs                     ? 
_reflns.Friedel_coverage                 ? 
_reflns.number_gt                        ? 
_reflns.threshold_expression             ? 
_reflns.pdbx_redundancy                  3.8 
_reflns.pdbx_Rmerge_I_obs                ? 
_reflns.pdbx_Rmerge_I_all                ? 
_reflns.pdbx_Rsym_value                  ? 
_reflns.pdbx_netI_over_av_sigmaI         ? 
_reflns.pdbx_netI_over_sigmaI            37.9 
_reflns.pdbx_res_netI_over_av_sigmaI_2   ? 
_reflns.pdbx_res_netI_over_sigmaI_2      ? 
_reflns.pdbx_chi_squared                 ? 
_reflns.pdbx_scaling_rejects             ? 
_reflns.pdbx_d_res_high_opt              ? 
_reflns.pdbx_d_res_low_opt               ? 
_reflns.pdbx_d_res_opt_method            ? 
_reflns.phase_calculation_details        ? 
_reflns.pdbx_Rrim_I_all                  ? 
_reflns.pdbx_Rpim_I_all                  ? 
_reflns.pdbx_d_opt                       ? 
_reflns.pdbx_number_measured_all         ? 
_reflns.pdbx_diffrn_id                   1 
_reflns.pdbx_ordinal                     1 
_reflns.pdbx_CC_half                     ? 
_reflns.pdbx_R_split                     ? 
# 
_reflns_shell.d_res_high                  . 
_reflns_shell.d_res_low                   ? 
_reflns_shell.meanI_over_sigI_all         ? 
_reflns_shell.meanI_over_sigI_obs         ? 
_reflns_shell.number_measured_all         ? 
_reflns_shell.number_measured_obs         ? 
_reflns_shell.number_possible             ? 
_reflns_shell.number_unique_all           ? 
_reflns_shell.number_unique_obs           ? 
_reflns_shell.percent_possible_all        ? 
_reflns_shell.percent_possible_obs        ? 
_reflns_shell.Rmerge_F_all                ? 
_reflns_shell.Rmerge_F_obs                ? 
_reflns_shell.Rmerge_I_all                ? 
_reflns_shell.Rmerge_I_obs                ? 
_reflns_shell.meanI_over_sigI_gt          ? 
_reflns_shell.meanI_over_uI_all           ? 
_reflns_shell.meanI_over_uI_gt            ? 
_reflns_shell.number_measured_gt          ? 
_reflns_shell.number_unique_gt            ? 
_reflns_shell.percent_possible_gt         ? 
_reflns_shell.Rmerge_F_gt                 ? 
_reflns_shell.Rmerge_I_gt                 ? 
_reflns_shell.pdbx_redundancy             ? 
_reflns_shell.pdbx_Rsym_value             ? 
_reflns_shell.pdbx_chi_squared            ? 
_reflns_shell.pdbx_netI_over_sigmaI_all   ? 
_reflns_shell.pdbx_netI_over_sigmaI_obs   ? 
_reflns_shell.pdbx_Rrim_I_all             ? 
_reflns_shell.pdbx_Rpim_I_all             ? 
_reflns_shell.pdbx_rejects                ? 
_reflns_shell.pdbx_ordinal                1 
_reflns_shell.pdbx_diffrn_id              1 
_reflns_shell.pdbx_CC_half                ? 
_reflns_shell.pdbx_R_split                ? 
# 
_refine.aniso_B[1][1]                            ? 
_refine.aniso_B[1][2]                            ? 
_refine.aniso_B[1][3]                            ? 
_refine.aniso_B[2][2]                            ? 
_refine.aniso_B[2][3]                            ? 
_refine.aniso_B[3][3]                            ? 
_refine.B_iso_max                                ? 
_refine.B_iso_mean                               ? 
_refine.B_iso_min                                ? 
_refine.correlation_coeff_Fo_to_Fc               ? 
_refine.correlation_coeff_Fo_to_Fc_free          ? 
_refine.details                                  ? 
_refine.diff_density_max                         ? 
_refine.diff_density_max_esd                     ? 
_refine.diff_density_min                         ? 
_refine.diff_density_min_esd                     ? 
_refine.diff_density_rms                         ? 
_refine.diff_density_rms_esd                     ? 
_refine.entry_id                                 5WLE 
_refine.pdbx_refine_id                           'X-RAY DIFFRACTION' 
_refine.ls_abs_structure_details                 ? 
_refine.ls_abs_structure_Flack                   ? 
_refine.ls_abs_structure_Flack_esd               ? 
_refine.ls_abs_structure_Rogers                  ? 
_refine.ls_abs_structure_Rogers_esd              ? 
_refine.ls_d_res_high                            1.952 
_refine.ls_d_res_low                             31.200 
_refine.ls_extinction_coef                       ? 
_refine.ls_extinction_coef_esd                   ? 
_refine.ls_extinction_expression                 ? 
_refine.ls_extinction_method                     ? 
_refine.ls_goodness_of_fit_all                   ? 
_refine.ls_goodness_of_fit_all_esd               ? 
_refine.ls_goodness_of_fit_obs                   ? 
_refine.ls_goodness_of_fit_obs_esd               ? 
_refine.ls_hydrogen_treatment                    ? 
_refine.ls_matrix_type                           ? 
_refine.ls_number_constraints                    ? 
_refine.ls_number_parameters                     ? 
_refine.ls_number_reflns_all                     ? 
_refine.ls_number_reflns_obs                     4556 
_refine.ls_number_reflns_R_free                  449 
_refine.ls_number_reflns_R_work                  ? 
_refine.ls_number_restraints                     ? 
_refine.ls_percent_reflns_obs                    98.72 
_refine.ls_percent_reflns_R_free                 9.86 
_refine.ls_R_factor_all                          ? 
_refine.ls_R_factor_obs                          0.1492 
_refine.ls_R_factor_R_free                       0.1862 
_refine.ls_R_factor_R_free_error                 ? 
_refine.ls_R_factor_R_free_error_details         ? 
_refine.ls_R_factor_R_work                       0.1451 
_refine.ls_R_Fsqd_factor_obs                     ? 
_refine.ls_R_I_factor_obs                        ? 
_refine.ls_redundancy_reflns_all                 ? 
_refine.ls_redundancy_reflns_obs                 ? 
_refine.ls_restrained_S_all                      ? 
_refine.ls_restrained_S_obs                      ? 
_refine.ls_shift_over_esd_max                    ? 
_refine.ls_shift_over_esd_mean                   ? 
_refine.ls_structure_factor_coef                 ? 
_refine.ls_weighting_details                     ? 
_refine.ls_weighting_scheme                      ? 
_refine.ls_wR_factor_all                         ? 
_refine.ls_wR_factor_obs                         ? 
_refine.ls_wR_factor_R_free                      ? 
_refine.ls_wR_factor_R_work                      ? 
_refine.occupancy_max                            ? 
_refine.occupancy_min                            ? 
_refine.solvent_model_details                    'FLAT BULK SOLVENT MODEL' 
_refine.solvent_model_param_bsol                 ? 
_refine.solvent_model_param_ksol                 ? 
_refine.ls_R_factor_gt                           ? 
_refine.ls_goodness_of_fit_gt                    ? 
_refine.ls_goodness_of_fit_ref                   ? 
_refine.ls_shift_over_su_max                     ? 
_refine.ls_shift_over_su_max_lt                  ? 
_refine.ls_shift_over_su_mean                    ? 
_refine.ls_shift_over_su_mean_lt                 ? 
_refine.pdbx_ls_sigma_I                          ? 
_refine.pdbx_ls_sigma_F                          0.00 
_refine.pdbx_ls_sigma_Fsqd                       ? 
_refine.pdbx_data_cutoff_high_absF               ? 
_refine.pdbx_data_cutoff_high_rms_absF           ? 
_refine.pdbx_data_cutoff_low_absF                ? 
_refine.pdbx_isotropic_thermal_model             ? 
_refine.pdbx_ls_cross_valid_method               'FREE R-VALUE' 
_refine.pdbx_method_to_determine_struct          'MOLECULAR REPLACEMENT' 
_refine.pdbx_starting_model                      4L7X 
_refine.pdbx_stereochemistry_target_values       ML 
_refine.pdbx_R_Free_selection_details            ? 
_refine.pdbx_stereochem_target_val_spec_case     ? 
_refine.pdbx_overall_ESU_R                       ? 
_refine.pdbx_overall_ESU_R_Free                  ? 
_refine.pdbx_solvent_vdw_probe_radii             1.11 
_refine.pdbx_solvent_ion_probe_radii             ? 
_refine.pdbx_solvent_shrinkage_radii             0.90 
_refine.pdbx_real_space_R                        ? 
_refine.pdbx_density_correlation                 ? 
_refine.pdbx_pd_number_of_powder_patterns        ? 
_refine.pdbx_pd_number_of_points                 ? 
_refine.pdbx_pd_meas_number_of_points            ? 
_refine.pdbx_pd_proc_ls_prof_R_factor            ? 
_refine.pdbx_pd_proc_ls_prof_wR_factor           ? 
_refine.pdbx_pd_Marquardt_correlation_coeff      ? 
_refine.pdbx_pd_Fsqrd_R_factor                   ? 
_refine.pdbx_pd_ls_matrix_band_width             ? 
_refine.pdbx_overall_phase_error                 17.77 
_refine.pdbx_overall_SU_R_free_Cruickshank_DPI   ? 
_refine.pdbx_overall_SU_R_free_Blow_DPI          ? 
_refine.pdbx_overall_SU_R_Blow_DPI               ? 
_refine.pdbx_TLS_residual_ADP_flag               ? 
_refine.pdbx_diffrn_id                           1 
_refine.overall_SU_B                             ? 
_refine.overall_SU_ML                            0.12 
_refine.overall_SU_R_Cruickshank_DPI             ? 
_refine.overall_SU_R_free                        ? 
_refine.overall_FOM_free_R_set                   ? 
_refine.overall_FOM_work_R_set                   ? 
_refine.pdbx_average_fsc_overall                 ? 
_refine.pdbx_average_fsc_work                    ? 
_refine.pdbx_average_fsc_free                    ? 
# 
_refine_hist.pdbx_refine_id                   'X-RAY DIFFRACTION' 
_refine_hist.cycle_id                         LAST 
_refine_hist.pdbx_number_atoms_protein        527 
_refine_hist.pdbx_number_atoms_nucleic_acid   0 
_refine_hist.pdbx_number_atoms_ligand         2 
_refine_hist.number_atoms_solvent             79 
_refine_hist.number_atoms_total               608 
_refine_hist.d_res_high                       1.952 
_refine_hist.d_res_low                        31.200 
# 
loop_
_refine_ls_restr.pdbx_refine_id 
_refine_ls_restr.criterion 
_refine_ls_restr.dev_ideal 
_refine_ls_restr.dev_ideal_target 
_refine_ls_restr.number 
_refine_ls_restr.rejects 
_refine_ls_restr.type 
_refine_ls_restr.weight 
_refine_ls_restr.pdbx_restraint_function 
'X-RAY DIFFRACTION' ? 0.006  ? 538 ? f_bond_d           ? ? 
'X-RAY DIFFRACTION' ? 0.877  ? 725 ? f_angle_d          ? ? 
'X-RAY DIFFRACTION' ? 10.372 ? 323 ? f_dihedral_angle_d ? ? 
'X-RAY DIFFRACTION' ? 0.052  ? 75  ? f_chiral_restr     ? ? 
'X-RAY DIFFRACTION' ? 0.004  ? 92  ? f_plane_restr      ? ? 
# 
loop_
_refine_ls_shell.pdbx_refine_id 
_refine_ls_shell.d_res_high 
_refine_ls_shell.d_res_low 
_refine_ls_shell.number_reflns_all 
_refine_ls_shell.number_reflns_obs 
_refine_ls_shell.number_reflns_R_free 
_refine_ls_shell.number_reflns_R_work 
_refine_ls_shell.percent_reflns_obs 
_refine_ls_shell.percent_reflns_R_free 
_refine_ls_shell.R_factor_all 
_refine_ls_shell.R_factor_obs 
_refine_ls_shell.R_factor_R_free 
_refine_ls_shell.R_factor_R_free_error 
_refine_ls_shell.R_factor_R_work 
_refine_ls_shell.redundancy_reflns_all 
_refine_ls_shell.redundancy_reflns_obs 
_refine_ls_shell.wR_factor_all 
_refine_ls_shell.wR_factor_obs 
_refine_ls_shell.wR_factor_R_free 
_refine_ls_shell.wR_factor_R_work 
_refine_ls_shell.pdbx_total_number_of_bins_used 
_refine_ls_shell.pdbx_phase_error 
_refine_ls_shell.pdbx_fsc_work 
_refine_ls_shell.pdbx_fsc_free 
'X-RAY DIFFRACTION' 1.9518 2.2342  . . 146 1348 98.00 . . . 0.2023 . 0.1322 . . . . . . . . . . 
'X-RAY DIFFRACTION' 2.2342 2.8145  . . 149 1362 99.00 . . . 0.1854 . 0.1480 . . . . . . . . . . 
'X-RAY DIFFRACTION' 2.8145 31.2037 . . 154 1397 99.00 . . . 0.1785 . 0.1498 . . . . . . . . . . 
# 
_struct.entry_id                     5WLE 
_struct.title                        'Crystal structure of the PPS PHD finger in complex with H3K4me3' 
_struct.pdbx_model_details           ? 
_struct.pdbx_formula_weight          ? 
_struct.pdbx_formula_weight_method   ? 
_struct.pdbx_model_type_details      ? 
_struct.pdbx_CASP_flag               N 
# 
_struct_keywords.entry_id        5WLE 
_struct_keywords.text            'Epigenetic, PHD, Histone, trimethylated, HYDROLASE' 
_struct_keywords.pdbx_keywords   HYDROLASE 
# 
loop_
_struct_asym.id 
_struct_asym.pdbx_blank_PDB_chainid_flag 
_struct_asym.pdbx_modified 
_struct_asym.entity_id 
_struct_asym.details 
A N N 1 ? 
B N N 2 ? 
C N N 3 ? 
D N N 3 ? 
E N N 4 ? 
F N N 4 ? 
# 
loop_
_struct_conf.conf_type_id 
_struct_conf.id 
_struct_conf.pdbx_PDB_helix_id 
_struct_conf.beg_label_comp_id 
_struct_conf.beg_label_asym_id 
_struct_conf.beg_label_seq_id 
_struct_conf.pdbx_beg_PDB_ins_code 
_struct_conf.end_label_comp_id 
_struct_conf.end_label_asym_id 
_struct_conf.end_label_seq_id 
_struct_conf.pdbx_end_PDB_ins_code 
_struct_conf.beg_auth_comp_id 
_struct_conf.beg_auth_asym_id 
_struct_conf.beg_auth_seq_id 
_struct_conf.end_auth_comp_id 
_struct_conf.end_auth_asym_id 
_struct_conf.end_auth_seq_id 
_struct_conf.pdbx_PDB_helix_class 
_struct_conf.details 
_struct_conf.pdbx_PDB_helix_length 
HELX_P HELX_P1 AA1 GLY A 34 ? GLY A 38 ? GLY A 936 GLY A 940 1 ? 5  
HELX_P HELX_P2 AA2 THR A 40 ? LYS A 50 ? THR A 942 LYS A 952 1 ? 11 
HELX_P HELX_P3 AA3 CYS A 56 ? LYS A 61 ? CYS A 958 LYS A 963 1 ? 6  
# 
_struct_conf_type.id          HELX_P 
_struct_conf_type.criteria    ? 
_struct_conf_type.reference   ? 
# 
loop_
_struct_conn.id 
_struct_conn.conn_type_id 
_struct_conn.pdbx_leaving_atom_flag 
_struct_conn.pdbx_PDB_id 
_struct_conn.ptnr1_label_asym_id 
_struct_conn.ptnr1_label_comp_id 
_struct_conn.ptnr1_label_seq_id 
_struct_conn.ptnr1_label_atom_id 
_struct_conn.pdbx_ptnr1_label_alt_id 
_struct_conn.pdbx_ptnr1_PDB_ins_code 
_struct_conn.pdbx_ptnr1_standard_comp_id 
_struct_conn.ptnr1_symmetry 
_struct_conn.ptnr2_label_asym_id 
_struct_conn.ptnr2_label_comp_id 
_struct_conn.ptnr2_label_seq_id 
_struct_conn.ptnr2_label_atom_id 
_struct_conn.pdbx_ptnr2_label_alt_id 
_struct_conn.pdbx_ptnr2_PDB_ins_code 
_struct_conn.ptnr1_auth_asym_id 
_struct_conn.ptnr1_auth_comp_id 
_struct_conn.ptnr1_auth_seq_id 
_struct_conn.ptnr2_auth_asym_id 
_struct_conn.ptnr2_auth_comp_id 
_struct_conn.ptnr2_auth_seq_id 
_struct_conn.ptnr2_symmetry 
_struct_conn.pdbx_ptnr3_label_atom_id 
_struct_conn.pdbx_ptnr3_label_seq_id 
_struct_conn.pdbx_ptnr3_label_comp_id 
_struct_conn.pdbx_ptnr3_label_asym_id 
_struct_conn.pdbx_ptnr3_label_alt_id 
_struct_conn.pdbx_ptnr3_PDB_ins_code 
_struct_conn.details 
_struct_conn.pdbx_dist_value 
_struct_conn.pdbx_value_order 
_struct_conn.pdbx_role 
covale1 covale both ? B THR 3  C   ? ? ? 1_555 B M3L 4 N  ? ? C THR 3   C M3L 4    1_555 ? ? ? ? ? ? ? 1.327 ? ? 
covale2 covale both ? B M3L 4  C   ? ? ? 1_555 B GLN 5 N  ? ? C M3L 4   C GLN 5    1_555 ? ? ? ? ? ? ? 1.331 ? ? 
metalc1 metalc ?    ? A CYS 11 SG  ? ? ? 1_555 C ZN  . ZN ? ? A CYS 913 A ZN  1001 1_555 ? ? ? ? ? ? ? 2.313 ? ? 
metalc2 metalc ?    ? A CYS 13 SG  ? ? ? 1_555 C ZN  . ZN ? ? A CYS 915 A ZN  1001 1_555 ? ? ? ? ? ? ? 2.246 ? ? 
metalc3 metalc ?    ? A CYS 25 SG  ? ? ? 1_555 D ZN  . ZN ? ? A CYS 927 A ZN  1002 1_555 ? ? ? ? ? ? ? 2.321 ? ? 
metalc4 metalc ?    ? A CYS 28 SG  ? ? ? 1_555 D ZN  . ZN ? ? A CYS 930 A ZN  1002 1_555 ? ? ? ? ? ? ? 2.340 ? ? 
metalc5 metalc ?    ? A HIS 33 ND1 ? ? ? 1_555 C ZN  . ZN ? ? A HIS 935 A ZN  1001 1_555 ? ? ? ? ? ? ? 2.173 ? ? 
metalc6 metalc ?    ? A CYS 36 SG  ? ? ? 1_555 C ZN  . ZN ? ? A CYS 938 A ZN  1001 1_555 ? ? ? ? ? ? ? 2.315 ? ? 
metalc7 metalc ?    ? A CYS 56 SG  ? ? ? 1_555 D ZN  . ZN ? ? A CYS 958 A ZN  1002 1_555 ? ? ? ? ? ? ? 2.388 ? ? 
metalc8 metalc ?    ? A CYS 59 SG  ? ? ? 1_555 D ZN  . ZN ? ? A CYS 961 A ZN  1002 1_555 ? ? ? ? ? ? ? 2.395 ? ? 
# 
loop_
_struct_conn_type.id 
_struct_conn_type.criteria 
_struct_conn_type.reference 
covale ? ? 
metalc ? ? 
# 
_struct_sheet.id               AA1 
_struct_sheet.type             ? 
_struct_sheet.number_strands   3 
_struct_sheet.details          ? 
# 
loop_
_struct_sheet_order.sheet_id 
_struct_sheet_order.range_id_1 
_struct_sheet_order.range_id_2 
_struct_sheet_order.offset 
_struct_sheet_order.sense 
AA1 1 2 ? anti-parallel 
AA1 2 3 ? anti-parallel 
# 
loop_
_struct_sheet_range.sheet_id 
_struct_sheet_range.id 
_struct_sheet_range.beg_label_comp_id 
_struct_sheet_range.beg_label_asym_id 
_struct_sheet_range.beg_label_seq_id 
_struct_sheet_range.pdbx_beg_PDB_ins_code 
_struct_sheet_range.end_label_comp_id 
_struct_sheet_range.end_label_asym_id 
_struct_sheet_range.end_label_seq_id 
_struct_sheet_range.pdbx_end_PDB_ins_code 
_struct_sheet_range.beg_auth_comp_id 
_struct_sheet_range.beg_auth_asym_id 
_struct_sheet_range.beg_auth_seq_id 
_struct_sheet_range.end_auth_comp_id 
_struct_sheet_range.end_auth_asym_id 
_struct_sheet_range.end_auth_seq_id 
AA1 1 TRP A 31 ? HIS A 33 ? TRP A 933 HIS A 935 
AA1 2 MET A 22 ? CYS A 24 ? MET A 924 CYS A 926 
AA1 3 THR B 3  ? M3L B 4  ? THR C 3   M3L C 4   
# 
loop_
_pdbx_struct_sheet_hbond.sheet_id 
_pdbx_struct_sheet_hbond.range_id_1 
_pdbx_struct_sheet_hbond.range_id_2 
_pdbx_struct_sheet_hbond.range_1_label_atom_id 
_pdbx_struct_sheet_hbond.range_1_label_comp_id 
_pdbx_struct_sheet_hbond.range_1_label_asym_id 
_pdbx_struct_sheet_hbond.range_1_label_seq_id 
_pdbx_struct_sheet_hbond.range_1_PDB_ins_code 
_pdbx_struct_sheet_hbond.range_1_auth_atom_id 
_pdbx_struct_sheet_hbond.range_1_auth_comp_id 
_pdbx_struct_sheet_hbond.range_1_auth_asym_id 
_pdbx_struct_sheet_hbond.range_1_auth_seq_id 
_pdbx_struct_sheet_hbond.range_2_label_atom_id 
_pdbx_struct_sheet_hbond.range_2_label_comp_id 
_pdbx_struct_sheet_hbond.range_2_label_asym_id 
_pdbx_struct_sheet_hbond.range_2_label_seq_id 
_pdbx_struct_sheet_hbond.range_2_PDB_ins_code 
_pdbx_struct_sheet_hbond.range_2_auth_atom_id 
_pdbx_struct_sheet_hbond.range_2_auth_comp_id 
_pdbx_struct_sheet_hbond.range_2_auth_asym_id 
_pdbx_struct_sheet_hbond.range_2_auth_seq_id 
AA1 1 2 O PHE A 32 ? O PHE A 934 N ILE A 23 ? N ILE A 925 
AA1 2 3 N MET A 22 ? N MET A 924 O M3L B 4  ? O M3L C 4   
# 
loop_
_struct_site.id 
_struct_site.pdbx_evidence_code 
_struct_site.pdbx_auth_asym_id 
_struct_site.pdbx_auth_comp_id 
_struct_site.pdbx_auth_seq_id 
_struct_site.pdbx_auth_ins_code 
_struct_site.pdbx_num_residues 
_struct_site.details 
AC1 Software A ZN  1001 ? 4  'binding site for residue ZN A 1001'                                        
AC2 Software A ZN  1002 ? 4  'binding site for residue ZN A 1002'                                        
AC3 Software C M3L 4    ? 12 'binding site for Ligand residues M3L C 4 through GLN C 5 bound to THR C 3' 
# 
loop_
_struct_site_gen.id 
_struct_site_gen.site_id 
_struct_site_gen.pdbx_num_res 
_struct_site_gen.label_comp_id 
_struct_site_gen.label_asym_id 
_struct_site_gen.label_seq_id 
_struct_site_gen.pdbx_auth_ins_code 
_struct_site_gen.auth_comp_id 
_struct_site_gen.auth_asym_id 
_struct_site_gen.auth_seq_id 
_struct_site_gen.label_atom_id 
_struct_site_gen.label_alt_id 
_struct_site_gen.symmetry 
_struct_site_gen.details 
1  AC1 4  CYS A 11 ? CYS A 913 . ? 1_555 ? 
2  AC1 4  CYS A 13 ? CYS A 915 . ? 1_555 ? 
3  AC1 4  HIS A 33 ? HIS A 935 . ? 1_555 ? 
4  AC1 4  CYS A 36 ? CYS A 938 . ? 1_555 ? 
5  AC2 4  CYS A 25 ? CYS A 927 . ? 1_555 ? 
6  AC2 4  CYS A 28 ? CYS A 930 . ? 1_555 ? 
7  AC2 4  CYS A 56 ? CYS A 958 . ? 1_555 ? 
8  AC2 4  CYS A 59 ? CYS A 961 . ? 1_555 ? 
9  AC3 12 ASP A 4  ? ASP A 906 . ? 1_555 ? 
10 AC3 12 TRP A 10 ? TRP A 912 . ? 1_555 ? 
11 AC3 12 ASN A 19 ? ASN A 921 . ? 1_555 ? 
12 AC3 12 ARG A 20 ? ARG A 922 . ? 1_555 ? 
13 AC3 12 PHE A 21 ? PHE A 923 . ? 1_555 ? 
14 AC3 12 MET A 22 ? MET A 924 . ? 1_555 ? 
15 AC3 12 LYS A 41 ? LYS A 943 . ? 1_555 ? 
16 AC3 12 THR B 3  ? THR C 3   . ? 1_555 ? 
17 AC3 12 THR B 6  ? THR C 6   . ? 1_555 ? 
18 AC3 12 ALA B 7  ? ALA C 7   . ? 1_555 ? 
19 AC3 12 HOH F .  ? HOH C 103 . ? 1_555 ? 
20 AC3 12 HOH F .  ? HOH C 106 . ? 1_555 ? 
# 
_atom_sites.entry_id                    5WLE 
_atom_sites.fract_transf_matrix[1][1]   0.00992304 
_atom_sites.fract_transf_matrix[1][2]   -0.03075441 
_atom_sites.fract_transf_matrix[1][3]   0.02939077 
_atom_sites.fract_transf_matrix[2][1]   0.01154416 
_atom_sites.fract_transf_matrix[2][2]   -0.01135776 
_atom_sites.fract_transf_matrix[2][3]   -0.01578231 
_atom_sites.fract_transf_matrix[3][1]   0.02709445 
_atom_sites.fract_transf_matrix[3][2]   0.01416083 
_atom_sites.fract_transf_matrix[3][3]   0.00962770 
_atom_sites.fract_transf_vector[1]      0.067587 
_atom_sites.fract_transf_vector[2]      -0.053782 
_atom_sites.fract_transf_vector[3]      1.200975 
# 
loop_
_atom_type.symbol 
C  
N  
O  
S  
ZN 
# 
loop_
_atom_site.group_PDB 
_atom_site.id 
_atom_site.type_symbol 
_atom_site.label_atom_id 
_atom_site.label_alt_id 
_atom_site.label_comp_id 
_atom_site.label_asym_id 
_atom_site.label_entity_id 
_atom_site.label_seq_id 
_atom_site.pdbx_PDB_ins_code 
_atom_site.Cartn_x 
_atom_site.Cartn_y 
_atom_site.Cartn_z 
_atom_site.occupancy 
_atom_site.B_iso_or_equiv 
_atom_site.pdbx_formal_charge 
_atom_site.auth_seq_id 
_atom_site.auth_comp_id 
_atom_site.auth_asym_id 
_atom_site.auth_atom_id 
_atom_site.pdbx_PDB_model_num 
ATOM   1   N  N   . ASP A 1 3  ? 12.104  -3.344  2.253   1.00 24.24 ? 905  ASP A N   1 
ATOM   2   C  CA  . ASP A 1 3  ? 12.907  -3.456  1.040   1.00 18.20 ? 905  ASP A CA  1 
ATOM   3   C  C   . ASP A 1 3  ? 12.496  -2.397  0.013   1.00 14.07 ? 905  ASP A C   1 
ATOM   4   O  O   . ASP A 1 3  ? 11.435  -2.479  -0.621  1.00 11.55 ? 905  ASP A O   1 
ATOM   5   C  CB  . ASP A 1 3  ? 12.797  -4.860  0.445   1.00 17.17 ? 905  ASP A CB  1 
ATOM   6   C  CG  . ASP A 1 3  ? 13.825  -5.118  -0.649  1.00 19.63 ? 905  ASP A CG  1 
ATOM   7   O  OD1 . ASP A 1 3  ? 14.518  -4.169  -1.050  1.00 18.08 ? 905  ASP A OD1 1 
ATOM   8   O  OD2 . ASP A 1 3  ? 13.937  -6.270  -1.121  1.00 24.04 ? 905  ASP A OD2 1 
ATOM   9   N  N   . ASP A 1 4  ? 13.366  -1.407  -0.148  1.00 9.70  ? 906  ASP A N   1 
ATOM   10  C  CA  . ASP A 1 4  ? 13.126  -0.275  -1.034  1.00 11.88 ? 906  ASP A CA  1 
ATOM   11  C  C   . ASP A 1 4  ? 13.713  -0.465  -2.427  1.00 8.82  ? 906  ASP A C   1 
ATOM   12  O  O   . ASP A 1 4  ? 13.802  0.510   -3.187  1.00 7.11  ? 906  ASP A O   1 
ATOM   13  C  CB  . ASP A 1 4  ? 13.693  0.996   -0.407  1.00 18.03 ? 906  ASP A CB  1 
ATOM   14  C  CG  . ASP A 1 4  ? 12.977  1.375   0.865   1.00 24.05 ? 906  ASP A CG  1 
ATOM   15  O  OD1 . ASP A 1 4  ? 11.787  1.013   1.001   1.00 21.20 ? 906  ASP A OD1 1 
ATOM   16  O  OD2 . ASP A 1 4  ? 13.603  2.032   1.724   1.00 30.22 ? 906  ASP A OD2 1 
ATOM   17  N  N   . ASP A 1 5  ? 14.114  -1.685  -2.772  1.00 8.04  ? 907  ASP A N   1 
ATOM   18  C  CA  . ASP A 1 5  ? 14.615  -2.067  -4.091  1.00 11.00 ? 907  ASP A CA  1 
ATOM   19  C  C   . ASP A 1 5  ? 13.756  -1.462  -5.202  1.00 10.74 ? 907  ASP A C   1 
ATOM   20  O  O   . ASP A 1 5  ? 12.576  -1.821  -5.336  1.00 9.43  ? 907  ASP A O   1 
ATOM   21  C  CB  . ASP A 1 5  ? 14.645  -3.599  -4.177  1.00 7.97  ? 907  ASP A CB  1 
ATOM   22  C  CG  . ASP A 1 5  ? 15.186  -4.125  -5.501  1.00 9.91  ? 907  ASP A CG  1 
ATOM   23  O  OD1 . ASP A 1 5  ? 15.547  -3.328  -6.390  1.00 9.71  ? 907  ASP A OD1 1 
ATOM   24  O  OD2 . ASP A 1 5  ? 15.259  -5.366  -5.643  1.00 10.97 ? 907  ASP A OD2 1 
ATOM   25  N  N   . PRO A 1 6  ? 14.303  -0.552  -6.023  1.00 9.42  ? 908  PRO A N   1 
ATOM   26  C  CA  . PRO A 1 6  ? 13.492  0.072   -7.079  1.00 8.46  ? 908  PRO A CA  1 
ATOM   27  C  C   . PRO A 1 6  ? 13.107  -0.868  -8.202  1.00 8.75  ? 908  PRO A C   1 
ATOM   28  O  O   . PRO A 1 6  ? 12.246  -0.495  -9.007  1.00 7.02  ? 908  PRO A O   1 
ATOM   29  C  CB  . PRO A 1 6  ? 14.387  1.208   -7.597  1.00 8.51  ? 908  PRO A CB  1 
ATOM   30  C  CG  . PRO A 1 6  ? 15.778  0.780   -7.257  1.00 11.09 ? 908  PRO A CG  1 
ATOM   31  C  CD  . PRO A 1 6  ? 15.677  -0.026  -5.998  1.00 10.14 ? 908  PRO A CD  1 
ATOM   32  N  N   . ASN A 1 7  ? 13.697  -2.066  -8.289  1.00 8.84  ? 909  ASN A N   1 
ATOM   33  C  CA  . ASN A 1 7  ? 13.346  -3.027  -9.335  1.00 10.06 ? 909  ASN A CA  1 
ATOM   34  C  C   . ASN A 1 7  ? 12.511  -4.201  -8.843  1.00 10.02 ? 909  ASN A C   1 
ATOM   35  O  O   . ASN A 1 7  ? 12.080  -5.013  -9.668  1.00 13.07 ? 909  ASN A O   1 
ATOM   36  C  CB  . ASN A 1 7  ? 14.613  -3.554  -10.018 1.00 8.44  ? 909  ASN A CB  1 
ATOM   37  C  CG  . ASN A 1 7  ? 15.458  -2.431  -10.572 1.00 12.81 ? 909  ASN A CG  1 
ATOM   38  O  OD1 . ASN A 1 7  ? 14.964  -1.591  -11.324 1.00 10.82 ? 909  ASN A OD1 1 
ATOM   39  N  ND2 . ASN A 1 7  ? 16.713  -2.373  -10.162 1.00 8.88  ? 909  ASN A ND2 1 
ATOM   40  N  N   . LYS A 1 8  ? 12.261  -4.310  -7.540  1.00 7.53  ? 910  LYS A N   1 
ATOM   41  C  CA  . LYS A 1 8  ? 11.439  -5.387  -7.001  1.00 8.09  ? 910  LYS A CA  1 
ATOM   42  C  C   . LYS A 1 8  ? 9.978   -5.213  -7.415  1.00 11.30 ? 910  LYS A C   1 
ATOM   43  O  O   . LYS A 1 8  ? 9.448   -4.094  -7.417  1.00 6.35  ? 910  LYS A O   1 
ATOM   44  C  CB  . LYS A 1 8  ? 11.555  -5.411  -5.475  1.00 10.89 ? 910  LYS A CB  1 
ATOM   45  C  CG  . LYS A 1 8  ? 10.640  -6.418  -4.775  1.00 10.39 ? 910  LYS A CG  1 
ATOM   46  C  CD  . LYS A 1 8  ? 10.912  -6.467  -3.294  1.00 13.86 ? 910  LYS A CD  1 
ATOM   47  C  CE  . LYS A 1 8  ? 10.048  -7.515  -2.604  1.00 17.05 ? 910  LYS A CE  1 
ATOM   48  N  NZ  . LYS A 1 8  ? 10.452  -8.898  -2.998  1.00 24.17 ? 910  LYS A NZ  1 
ATOM   49  N  N   . LEU A 1 9  ? 9.326   -6.327  -7.769  1.00 8.37  ? 911  LEU A N   1 
ATOM   50  C  CA  . LEU A 1 9  ? 7.930   -6.312  -8.211  1.00 8.36  ? 911  LEU A CA  1 
ATOM   51  C  C   . LEU A 1 9  ? 6.989   -6.425  -7.021  1.00 9.48  ? 911  LEU A C   1 
ATOM   52  O  O   . LEU A 1 9  ? 7.220   -7.227  -6.113  1.00 8.63  ? 911  LEU A O   1 
ATOM   53  C  CB  . LEU A 1 9  ? 7.651   -7.454  -9.192  1.00 8.76  ? 911  LEU A CB  1 
ATOM   54  C  CG  . LEU A 1 9  ? 8.444   -7.452  -10.501 1.00 8.49  ? 911  LEU A CG  1 
ATOM   55  C  CD1 . LEU A 1 9  ? 7.914   -8.521  -11.470 1.00 10.14 ? 911  LEU A CD1 1 
ATOM   56  C  CD2 . LEU A 1 9  ? 8.418   -6.076  -11.144 1.00 11.22 ? 911  LEU A CD2 1 
ATOM   57  N  N   . TRP A 1 10 ? 5.909   -5.632  -7.042  1.00 8.87  ? 912  TRP A N   1 
ATOM   58  C  CA  . TRP A 1 10 ? 4.964   -5.536  -5.932  1.00 6.56  ? 912  TRP A CA  1 
ATOM   59  C  C   . TRP A 1 10 ? 3.521   -5.659  -6.422  1.00 8.59  ? 912  TRP A C   1 
ATOM   60  O  O   . TRP A 1 10 ? 3.240   -5.584  -7.619  1.00 5.97  ? 912  TRP A O   1 
ATOM   61  C  CB  . TRP A 1 10 ? 5.094   -4.193  -5.195  1.00 5.91  ? 912  TRP A CB  1 
ATOM   62  C  CG  . TRP A 1 10 ? 6.321   -3.991  -4.377  1.00 5.90  ? 912  TRP A CG  1 
ATOM   63  C  CD1 . TRP A 1 10 ? 7.372   -3.169  -4.666  1.00 8.50  ? 912  TRP A CD1 1 
ATOM   64  C  CD2 . TRP A 1 10 ? 6.597   -4.568  -3.100  1.00 5.52  ? 912  TRP A CD2 1 
ATOM   65  N  NE1 . TRP A 1 10 ? 8.296   -3.211  -3.650  1.00 5.48  ? 912  TRP A NE1 1 
ATOM   66  C  CE2 . TRP A 1 10 ? 7.843   -4.067  -2.676  1.00 7.18  ? 912  TRP A CE2 1 
ATOM   67  C  CE3 . TRP A 1 10 ? 5.916   -5.473  -2.278  1.00 6.84  ? 912  TRP A CE3 1 
ATOM   68  C  CZ2 . TRP A 1 10 ? 8.428   -4.443  -1.456  1.00 9.57  ? 912  TRP A CZ2 1 
ATOM   69  C  CZ3 . TRP A 1 10 ? 6.494   -5.844  -1.064  1.00 7.80  ? 912  TRP A CZ3 1 
ATOM   70  C  CH2 . TRP A 1 10 ? 7.735   -5.330  -0.667  1.00 7.93  ? 912  TRP A CH2 1 
ATOM   71  N  N   . CYS A 1 11 ? 2.602   -5.844  -5.466  1.00 6.00  ? 913  CYS A N   1 
ATOM   72  C  CA  . CYS A 1 11 ? 1.200   -5.479  -5.641  1.00 6.16  ? 913  CYS A CA  1 
ATOM   73  C  C   . CYS A 1 11 ? 0.445   -6.462  -6.543  1.00 8.47  ? 913  CYS A C   1 
ATOM   74  O  O   . CYS A 1 11 ? 1.019   -7.442  -7.035  1.00 7.11  ? 913  CYS A O   1 
ATOM   75  C  CB  . CYS A 1 11 ? 1.124   -4.037  -6.186  1.00 3.38  ? 913  CYS A CB  1 
ATOM   76  S  SG  . CYS A 1 11 ? -0.532  -3.263  -6.356  1.00 4.07  ? 913  CYS A SG  1 
ATOM   77  N  N   . ILE A 1 12 ? -0.858  -6.225  -6.718  1.00 6.61  ? 914  ILE A N   1 
ATOM   78  C  CA  . ILE A 1 12 ? -1.648  -6.986  -7.680  1.00 7.05  ? 914  ILE A CA  1 
ATOM   79  C  C   . ILE A 1 12 ? -1.045  -6.874  -9.072  1.00 8.10  ? 914  ILE A C   1 
ATOM   80  O  O   . ILE A 1 12 ? -1.010  -7.852  -9.825  1.00 7.79  ? 914  ILE A O   1 
ATOM   81  C  CB  . ILE A 1 12 ? -3.110  -6.502  -7.663  1.00 7.82  ? 914  ILE A CB  1 
ATOM   82  C  CG1 . ILE A 1 12 ? -3.731  -6.740  -6.285  1.00 10.25 ? 914  ILE A CG1 1 
ATOM   83  C  CG2 . ILE A 1 12 ? -3.936  -7.177  -8.771  1.00 9.02  ? 914  ILE A CG2 1 
ATOM   84  C  CD1 . ILE A 1 12 ? -4.987  -5.902  -6.038  1.00 7.42  ? 914  ILE A CD1 1 
ATOM   85  N  N   . CYS A 1 13 ? -0.534  -5.688  -9.425  1.00 5.51  ? 915  CYS A N   1 
ATOM   86  C  CA  . CYS A 1 13 ? -0.121  -5.380  -10.790 1.00 5.92  ? 915  CYS A CA  1 
ATOM   87  C  C   . CYS A 1 13 ? 1.256   -5.929  -11.162 1.00 6.73  ? 915  CYS A C   1 
ATOM   88  O  O   . CYS A 1 13 ? 1.605   -5.899  -12.348 1.00 10.13 ? 915  CYS A O   1 
ATOM   89  C  CB  . CYS A 1 13 ? -0.141  -3.858  -11.006 1.00 6.61  ? 915  CYS A CB  1 
ATOM   90  S  SG  . CYS A 1 13 ? 1.046   -2.955  -9.980  1.00 4.16  ? 915  CYS A SG  1 
ATOM   91  N  N   . ARG A 1 14 ? 2.031   -6.427  -10.195 1.00 6.59  ? 916  ARG A N   1 
ATOM   92  C  CA  . ARG A 1 14 ? 3.376   -6.969  -10.428 1.00 8.62  ? 916  ARG A CA  1 
ATOM   93  C  C   . ARG A 1 14 ? 4.280   -5.935  -11.112 1.00 12.05 ? 916  ARG A C   1 
ATOM   94  O  O   . ARG A 1 14 ? 4.849   -6.174  -12.183 1.00 10.02 ? 916  ARG A O   1 
ATOM   95  C  CB  . ARG A 1 14 ? 3.317   -8.270  -11.242 1.00 11.45 ? 916  ARG A CB  1 
ATOM   96  C  CG  . ARG A 1 14 ? 2.284   -9.306  -10.776 1.00 9.34  ? 916  ARG A CG  1 
ATOM   97  C  CD  . ARG A 1 14 ? 2.375   -9.551  -9.283  1.00 7.61  ? 916  ARG A CD  1 
ATOM   98  N  NE  . ARG A 1 14 ? 3.696   -10.036 -8.896  1.00 9.91  ? 916  ARG A NE  1 
ATOM   99  C  CZ  . ARG A 1 14 ? 4.255   -9.807  -7.712  1.00 12.48 ? 916  ARG A CZ  1 
ATOM   100 N  NH1 . ARG A 1 14 ? 3.602   -9.095  -6.798  1.00 10.47 ? 916  ARG A NH1 1 
ATOM   101 N  NH2 . ARG A 1 14 ? 5.461   -10.294 -7.443  1.00 7.82  ? 916  ARG A NH2 1 
ATOM   102 N  N   . GLN A 1 15 ? 4.419   -4.779  -10.472 1.00 7.14  ? 917  GLN A N   1 
ATOM   103 C  CA  . GLN A 1 15 ? 5.216   -3.670  -10.974 1.00 8.63  ? 917  GLN A CA  1 
ATOM   104 C  C   . GLN A 1 15 ? 6.070   -3.108  -9.846  1.00 8.74  ? 917  GLN A C   1 
ATOM   105 O  O   . GLN A 1 15 ? 5.769   -3.329  -8.672  1.00 7.07  ? 917  GLN A O   1 
ATOM   106 C  CB  . GLN A 1 15 ? 4.320   -2.558  -11.534 1.00 8.91  ? 917  GLN A CB  1 
ATOM   107 C  CG  . GLN A 1 15 ? 3.648   -2.870  -12.862 1.00 10.73 ? 917  GLN A CG  1 
ATOM   108 C  CD  . GLN A 1 15 ? 2.808   -1.714  -13.333 1.00 12.55 ? 917  GLN A CD  1 
ATOM   109 O  OE1 . GLN A 1 15 ? 3.130   -0.559  -13.054 1.00 16.72 ? 917  GLN A OE1 1 
ATOM   110 N  NE2 . GLN A 1 15 ? 1.719   -2.011  -14.048 1.00 15.77 ? 917  GLN A NE2 1 
ATOM   111 N  N   . PRO A 1 16 ? 7.125   -2.353  -10.171 1.00 4.42  ? 918  PRO A N   1 
ATOM   112 C  CA  . PRO A 1 16 ? 7.960   -1.754  -9.115  1.00 8.30  ? 918  PRO A CA  1 
ATOM   113 C  C   . PRO A 1 16 ? 7.221   -0.641  -8.378  1.00 5.63  ? 918  PRO A C   1 
ATOM   114 O  O   . PRO A 1 16 ? 6.117   -0.235  -8.744  1.00 5.98  ? 918  PRO A O   1 
ATOM   115 C  CB  . PRO A 1 16 ? 9.173   -1.201  -9.877  1.00 6.68  ? 918  PRO A CB  1 
ATOM   116 C  CG  . PRO A 1 16 ? 9.132   -1.864  -11.229 1.00 9.96  ? 918  PRO A CG  1 
ATOM   117 C  CD  . PRO A 1 16 ? 7.673   -2.092  -11.511 1.00 7.59  ? 918  PRO A CD  1 
ATOM   118 N  N   . HIS A 1 17 ? 7.844   -0.148  -7.300  1.00 6.02  ? 919  HIS A N   1 
ATOM   119 C  CA  . HIS A 1 17 ? 7.194   0.910   -6.529  1.00 6.37  ? 919  HIS A CA  1 
ATOM   120 C  C   . HIS A 1 17 ? 7.186   2.227   -7.299  1.00 7.42  ? 919  HIS A C   1 
ATOM   121 O  O   . HIS A 1 17 ? 6.209   2.979   -7.230  1.00 5.44  ? 919  HIS A O   1 
ATOM   122 C  CB  . HIS A 1 17 ? 7.830   1.055   -5.131  1.00 8.01  ? 919  HIS A CB  1 
ATOM   123 C  CG  . HIS A 1 17 ? 9.220   1.620   -5.110  1.00 9.83  ? 919  HIS A CG  1 
ATOM   124 N  ND1 . HIS A 1 17 ? 9.493   2.947   -5.372  1.00 11.83 ? 919  HIS A ND1 1 
ATOM   125 C  CD2 . HIS A 1 17 ? 10.405  1.054   -4.774  1.00 9.12  ? 919  HIS A CD2 1 
ATOM   126 C  CE1 . HIS A 1 17 ? 10.791  3.163   -5.240  1.00 9.43  ? 919  HIS A CE1 1 
ATOM   127 N  NE2 . HIS A 1 17 ? 11.366  2.030   -4.875  1.00 9.25  ? 919  HIS A NE2 1 
ATOM   128 N  N   . ASN A 1 18 ? 8.242   2.508   -8.067  1.00 7.04  ? 920  ASN A N   1 
ATOM   129 C  CA  . ASN A 1 18 ? 8.281   3.684   -8.950  1.00 8.97  ? 920  ASN A CA  1 
ATOM   130 C  C   . ASN A 1 18 ? 7.982   4.977   -8.200  1.00 7.17  ? 920  ASN A C   1 
ATOM   131 O  O   . ASN A 1 18 ? 7.445   5.923   -8.768  1.00 6.90  ? 920  ASN A O   1 
ATOM   132 C  CB  . ASN A 1 18 ? 7.321   3.525   -10.132 1.00 9.94  ? 920  ASN A CB  1 
ATOM   133 C  CG  . ASN A 1 18 ? 7.963   2.790   -11.297 1.00 16.82 ? 920  ASN A CG  1 
ATOM   134 O  OD1 . ASN A 1 18 ? 9.159   2.945   -11.549 1.00 23.25 ? 920  ASN A OD1 1 
ATOM   135 N  ND2 . ASN A 1 18 ? 7.178   1.981   -12.005 1.00 11.16 ? 920  ASN A ND2 1 
ATOM   136 N  N   . ASN A 1 19 ? 8.315   5.008   -6.911  1.00 8.82  ? 921  ASN A N   1 
ATOM   137 C  CA  . ASN A 1 19 ? 8.095   6.171   -6.045  1.00 10.11 ? 921  ASN A CA  1 
ATOM   138 C  C   . ASN A 1 19 ? 6.630   6.610   -6.009  1.00 10.12 ? 921  ASN A C   1 
ATOM   139 O  O   . ASN A 1 19 ? 6.332   7.766   -5.695  1.00 6.92  ? 921  ASN A O   1 
ATOM   140 C  CB  . ASN A 1 19 ? 9.003   7.337   -6.444  1.00 14.38 ? 921  ASN A CB  1 
ATOM   141 C  CG  . ASN A 1 19 ? 10.459  7.045   -6.143  1.00 16.63 ? 921  ASN A CG  1 
ATOM   142 O  OD1 . ASN A 1 19 ? 10.817  6.733   -5.008  1.00 19.86 ? 921  ASN A OD1 1 
ATOM   143 N  ND2 . ASN A 1 19 ? 11.298  7.107   -7.170  1.00 30.06 ? 921  ASN A ND2 1 
ATOM   144 N  N   . ARG A 1 20 ? 5.714   5.681   -6.278  1.00 7.08  ? 922  ARG A N   1 
ATOM   145 C  CA  . ARG A 1 20 ? 4.284   5.925   -6.181  1.00 5.91  ? 922  ARG A CA  1 
ATOM   146 C  C   . ARG A 1 20 ? 3.806   5.734   -4.747  1.00 5.26  ? 922  ARG A C   1 
ATOM   147 O  O   . ARG A 1 20 ? 4.459   5.072   -3.932  1.00 5.76  ? 922  ARG A O   1 
ATOM   148 C  CB  . ARG A 1 20 ? 3.517   4.976   -7.104  1.00 5.75  ? 922  ARG A CB  1 
ATOM   149 C  CG  . ARG A 1 20 ? 3.882   5.125   -8.579  1.00 8.48  ? 922  ARG A CG  1 
ATOM   150 C  CD  . ARG A 1 20 ? 3.418   3.920   -9.401  1.00 7.42  ? 922  ARG A CD  1 
ATOM   151 N  NE  . ARG A 1 20 ? 1.978   3.712   -9.274  1.00 5.06  ? 922  ARG A NE  1 
ATOM   152 C  CZ  . ARG A 1 20 ? 1.301   2.730   -9.864  1.00 8.53  ? 922  ARG A CZ  1 
ATOM   153 N  NH1 . ARG A 1 20 ? 1.934   1.846   -10.629 1.00 7.01  ? 922  ARG A NH1 1 
ATOM   154 N  NH2 . ARG A 1 20 ? -0.014  2.625   -9.682  1.00 4.97  ? 922  ARG A NH2 1 
ATOM   155 N  N   . PHE A 1 21 ? 2.635   6.310   -4.445  1.00 4.89  ? 923  PHE A N   1 
ATOM   156 C  CA  . PHE A 1 21 ? 2.018   6.073   -3.143  1.00 6.67  ? 923  PHE A CA  1 
ATOM   157 C  C   . PHE A 1 21 ? 1.690   4.598   -2.979  1.00 6.96  ? 923  PHE A C   1 
ATOM   158 O  O   . PHE A 1 21 ? 1.064   3.989   -3.852  1.00 6.37  ? 923  PHE A O   1 
ATOM   159 C  CB  . PHE A 1 21 ? 0.741   6.894   -2.969  1.00 6.41  ? 923  PHE A CB  1 
ATOM   160 C  CG  . PHE A 1 21 ? -0.118  6.417   -1.828  1.00 4.94  ? 923  PHE A CG  1 
ATOM   161 C  CD1 . PHE A 1 21 ? 0.351   6.475   -0.514  1.00 7.29  ? 923  PHE A CD1 1 
ATOM   162 C  CD2 . PHE A 1 21 ? -1.384  5.885   -2.060  1.00 5.17  ? 923  PHE A CD2 1 
ATOM   163 C  CE1 . PHE A 1 21 ? -0.435  6.017   0.552   1.00 5.18  ? 923  PHE A CE1 1 
ATOM   164 C  CE2 . PHE A 1 21 ? -2.170  5.429   -0.999  1.00 6.28  ? 923  PHE A CE2 1 
ATOM   165 C  CZ  . PHE A 1 21 ? -1.689  5.485   0.306   1.00 5.30  ? 923  PHE A CZ  1 
ATOM   166 N  N   . MET A 1 22 ? 2.116   4.022   -1.854  1.00 4.22  ? 924  MET A N   1 
ATOM   167 C  CA  . MET A 1 22 ? 1.854   2.622   -1.570  1.00 3.92  ? 924  MET A CA  1 
ATOM   168 C  C   . MET A 1 22 ? 1.414   2.473   -0.122  1.00 5.79  ? 924  MET A C   1 
ATOM   169 O  O   . MET A 1 22 ? 1.754   3.289   0.740   1.00 4.58  ? 924  MET A O   1 
ATOM   170 C  CB  . MET A 1 22 ? 3.086   1.737   -1.846  1.00 3.36  ? 924  MET A CB  1 
ATOM   171 C  CG  . MET A 1 22 ? 3.576   1.813   -3.300  1.00 3.57  ? 924  MET A CG  1 
ATOM   172 S  SD  . MET A 1 22 ? 4.763   0.530   -3.745  1.00 6.12  ? 924  MET A SD  1 
ATOM   173 C  CE  . MET A 1 22 ? 3.689   -0.903  -3.908  1.00 3.62  ? 924  MET A CE  1 
ATOM   174 N  N   . ILE A 1 23 ? 0.646   1.423   0.133   1.00 3.63  ? 925  ILE A N   1 
ATOM   175 C  CA  . ILE A 1 23 ? 0.113   1.125   1.451   1.00 3.99  ? 925  ILE A CA  1 
ATOM   176 C  C   . ILE A 1 23 ? 0.428   -0.333  1.753   1.00 7.07  ? 925  ILE A C   1 
ATOM   177 O  O   . ILE A 1 23 ? 0.413   -1.181  0.851   1.00 4.01  ? 925  ILE A O   1 
ATOM   178 C  CB  . ILE A 1 23 ? -1.406  1.414   1.521   1.00 4.79  ? 925  ILE A CB  1 
ATOM   179 C  CG1 . ILE A 1 23 ? -1.983  1.112   2.907   1.00 6.52  ? 925  ILE A CG1 1 
ATOM   180 C  CG2 . ILE A 1 23 ? -2.165  0.637   0.430   1.00 4.89  ? 925  ILE A CG2 1 
ATOM   181 C  CD1 . ILE A 1 23 ? -3.456  1.537   3.031   1.00 6.72  ? 925  ILE A CD1 1 
ATOM   182 N  N   . CYS A 1 24 ? 0.743   -0.614  3.016   1.00 7.35  ? 926  CYS A N   1 
ATOM   183 C  CA  . CYS A 1 24 ? 1.189   -1.935  3.454   1.00 5.49  ? 926  CYS A CA  1 
ATOM   184 C  C   . CYS A 1 24 ? 0.021   -2.661  4.109   1.00 6.78  ? 926  CYS A C   1 
ATOM   185 O  O   . CYS A 1 24 ? -0.563  -2.153  5.072   1.00 9.33  ? 926  CYS A O   1 
ATOM   186 C  CB  . CYS A 1 24 ? 2.358   -1.795  4.434   1.00 8.47  ? 926  CYS A CB  1 
ATOM   187 S  SG  . CYS A 1 24 ? 3.251   -3.297  4.821   1.00 10.37 ? 926  CYS A SG  1 
ATOM   188 N  N   . CYS A 1 25 ? -0.315  -3.842  3.596   1.00 4.66  ? 927  CYS A N   1 
ATOM   189 C  CA  . CYS A 1 25 ? -1.401  -4.632  4.164   1.00 4.47  ? 927  CYS A CA  1 
ATOM   190 C  C   . CYS A 1 25 ? -1.069  -5.100  5.583   1.00 7.07  ? 927  CYS A C   1 
ATOM   191 O  O   . CYS A 1 25 ? 0.022   -5.614  5.858   1.00 4.10  ? 927  CYS A O   1 
ATOM   192 C  CB  . CYS A 1 25 ? -1.675  -5.846  3.272   1.00 6.36  ? 927  CYS A CB  1 
ATOM   193 S  SG  . CYS A 1 25 ? -2.899  -7.018  3.900   1.00 5.47  ? 927  CYS A SG  1 
ATOM   194 N  N   . ASP A 1 26 ? -2.031  -4.974  6.482   1.00 5.38  ? 928  ASP A N   1 
ATOM   195 C  CA  . ASP A 1 26 ? -1.733  -5.335  7.859   1.00 7.40  ? 928  ASP A CA  1 
ATOM   196 C  C   . ASP A 1 26 ? -1.786  -6.840  8.122   1.00 8.84  ? 928  ASP A C   1 
ATOM   197 O  O   . ASP A 1 26 ? -1.529  -7.252  9.257   1.00 8.26  ? 928  ASP A O   1 
ATOM   198 C  CB  . ASP A 1 26 ? -2.672  -4.589  8.814   1.00 6.82  ? 928  ASP A CB  1 
ATOM   199 C  CG  . ASP A 1 26 ? -2.253  -3.127  9.010   1.00 12.06 ? 928  ASP A CG  1 
ATOM   200 O  OD1 . ASP A 1 26 ? -1.068  -2.867  9.337   1.00 13.62 ? 928  ASP A OD1 1 
ATOM   201 O  OD2 . ASP A 1 26 ? -3.099  -2.234  8.819   1.00 11.81 ? 928  ASP A OD2 1 
ATOM   202 N  N   . LEU A 1 27 ? -2.079  -7.676  7.122   1.00 4.88  ? 929  LEU A N   1 
ATOM   203 C  CA  . LEU A 1 27 ? -2.009  -9.124  7.311   1.00 5.94  ? 929  LEU A CA  1 
ATOM   204 C  C   . LEU A 1 27 ? -0.861  -9.769  6.548   1.00 5.20  ? 929  LEU A C   1 
ATOM   205 O  O   . LEU A 1 27 ? -0.092  -10.543 7.131   1.00 6.20  ? 929  LEU A O   1 
ATOM   206 C  CB  . LEU A 1 27 ? -3.331  -9.803  6.913   1.00 4.81  ? 929  LEU A CB  1 
ATOM   207 C  CG  . LEU A 1 27 ? -3.380  -11.311 7.197   1.00 6.04  ? 929  LEU A CG  1 
ATOM   208 C  CD1 . LEU A 1 27 ? -3.020  -11.626 8.664   1.00 7.11  ? 929  LEU A CD1 1 
ATOM   209 C  CD2 . LEU A 1 27 ? -4.738  -11.884 6.858   1.00 8.18  ? 929  LEU A CD2 1 
ATOM   210 N  N   . CYS A 1 28 ? -0.724  -9.502  5.249   1.00 4.43  ? 930  CYS A N   1 
ATOM   211 C  CA  . CYS A 1 28 ? 0.386   -10.105 4.530   1.00 4.45  ? 930  CYS A CA  1 
ATOM   212 C  C   . CYS A 1 28 ? 1.661   -9.283  4.624   1.00 4.56  ? 930  CYS A C   1 
ATOM   213 O  O   . CYS A 1 28 ? 2.746   -9.828  4.387   1.00 4.75  ? 930  CYS A O   1 
ATOM   214 C  CB  . CYS A 1 28 ? 0.015   -10.363 3.061   1.00 7.40  ? 930  CYS A CB  1 
ATOM   215 S  SG  . CYS A 1 28 ? -0.347  -8.906  2.033   1.00 5.48  ? 930  CYS A SG  1 
ATOM   216 N  N   . GLU A 1 29 ? 1.557   -8.004  4.987   1.00 3.83  ? 931  GLU A N   1 
ATOM   217 C  CA  . GLU A 1 29 ? 2.672   -7.077  5.143   1.00 5.06  ? 931  GLU A CA  1 
ATOM   218 C  C   . GLU A 1 29 ? 3.327   -6.741  3.812   1.00 6.34  ? 931  GLU A C   1 
ATOM   219 O  O   . GLU A 1 29 ? 4.428   -6.174  3.790   1.00 5.39  ? 931  GLU A O   1 
ATOM   220 C  CB  . GLU A 1 29 ? 3.729   -7.601  6.126   1.00 7.76  ? 931  GLU A CB  1 
ATOM   221 C  CG  . GLU A 1 29 ? 3.163   -8.020  7.486   1.00 6.79  ? 931  GLU A CG  1 
ATOM   222 C  CD  . GLU A 1 29 ? 4.253   -8.325  8.507   1.00 8.52  ? 931  GLU A CD  1 
ATOM   223 O  OE1 . GLU A 1 29 ? 4.974   -9.327  8.325   1.00 5.32  ? 931  GLU A OE1 1 
ATOM   224 O  OE2 . GLU A 1 29 ? 4.398   -7.557  9.483   1.00 8.33  ? 931  GLU A OE2 1 
ATOM   225 N  N   . ASP A 1 30 ? 2.689   -7.075  2.707   1.00 4.93  ? 932  ASP A N   1 
ATOM   226 C  CA  . ASP A 1 30 ? 3.182   -6.664  1.407   1.00 6.71  ? 932  ASP A CA  1 
ATOM   227 C  C   . ASP A 1 30 ? 2.634   -5.285  1.064   1.00 6.93  ? 932  ASP A C   1 
ATOM   228 O  O   . ASP A 1 30 ? 1.661   -4.813  1.662   1.00 6.21  ? 932  ASP A O   1 
ATOM   229 C  CB  . ASP A 1 30 ? 2.792   -7.680  0.338   1.00 6.36  ? 932  ASP A CB  1 
ATOM   230 C  CG  . ASP A 1 30 ? 3.698   -8.890  0.352   1.00 15.62 ? 932  ASP A CG  1 
ATOM   231 O  OD1 . ASP A 1 30 ? 4.830   -8.761  0.871   1.00 15.99 ? 932  ASP A OD1 1 
ATOM   232 O  OD2 . ASP A 1 30 ? 3.281   -9.955  -0.142  1.00 14.79 ? 932  ASP A OD2 1 
ATOM   233 N  N   . TRP A 1 31 ? 3.275   -4.643  0.084   1.00 5.38  ? 933  TRP A N   1 
ATOM   234 C  CA  . TRP A 1 31 ? 2.958   -3.277  -0.311  1.00 6.27  ? 933  TRP A CA  1 
ATOM   235 C  C   . TRP A 1 31 ? 2.155   -3.250  -1.605  1.00 5.96  ? 933  TRP A C   1 
ATOM   236 O  O   . TRP A 1 31 ? 2.405   -4.036  -2.527  1.00 3.54  ? 933  TRP A O   1 
ATOM   237 C  CB  . TRP A 1 31 ? 4.238   -2.462  -0.491  1.00 5.89  ? 933  TRP A CB  1 
ATOM   238 C  CG  . TRP A 1 31 ? 4.943   -2.178  0.785   1.00 8.37  ? 933  TRP A CG  1 
ATOM   239 C  CD1 . TRP A 1 31 ? 5.904   -2.944  1.386   1.00 6.69  ? 933  TRP A CD1 1 
ATOM   240 C  CD2 . TRP A 1 31 ? 4.754   -1.031  1.629   1.00 8.01  ? 933  TRP A CD2 1 
ATOM   241 N  NE1 . TRP A 1 31 ? 6.319   -2.345  2.553   1.00 9.48  ? 933  TRP A NE1 1 
ATOM   242 C  CE2 . TRP A 1 31 ? 5.637   -1.168  2.722   1.00 9.72  ? 933  TRP A CE2 1 
ATOM   243 C  CE3 . TRP A 1 31 ? 3.932   0.101   1.561   1.00 7.84  ? 933  TRP A CE3 1 
ATOM   244 C  CZ2 . TRP A 1 31 ? 5.713   -0.218  3.744   1.00 8.51  ? 933  TRP A CZ2 1 
ATOM   245 C  CZ3 . TRP A 1 31 ? 4.009   1.048   2.582   1.00 9.14  ? 933  TRP A CZ3 1 
ATOM   246 C  CH2 . TRP A 1 31 ? 4.899   0.881   3.652   1.00 7.66  ? 933  TRP A CH2 1 
ATOM   247 N  N   . PHE A 1 32 ? 1.209   -2.312  -1.676  1.00 3.53  ? 934  PHE A N   1 
ATOM   248 C  CA  . PHE A 1 32 ? 0.278   -2.194  -2.786  1.00 4.44  ? 934  PHE A CA  1 
ATOM   249 C  C   . PHE A 1 32 ? 0.207   -0.743  -3.226  1.00 2.83  ? 934  PHE A C   1 
ATOM   250 O  O   . PHE A 1 32 ? 0.159   0.160   -2.385  1.00 2.82  ? 934  PHE A O   1 
ATOM   251 C  CB  . PHE A 1 32 ? -1.112  -2.708  -2.367  1.00 4.33  ? 934  PHE A CB  1 
ATOM   252 C  CG  . PHE A 1 32 ? -1.115  -4.168  -2.016  1.00 4.14  ? 934  PHE A CG  1 
ATOM   253 C  CD1 . PHE A 1 32 ? -0.682  -4.596  -0.764  1.00 8.02  ? 934  PHE A CD1 1 
ATOM   254 C  CD2 . PHE A 1 32 ? -1.509  -5.114  -2.949  1.00 4.70  ? 934  PHE A CD2 1 
ATOM   255 C  CE1 . PHE A 1 32 ? -0.650  -5.946  -0.450  1.00 5.42  ? 934  PHE A CE1 1 
ATOM   256 C  CE2 . PHE A 1 32 ? -1.485  -6.453  -2.641  1.00 7.67  ? 934  PHE A CE2 1 
ATOM   257 C  CZ  . PHE A 1 32 ? -1.050  -6.869  -1.386  1.00 5.69  ? 934  PHE A CZ  1 
ATOM   258 N  N   . HIS A 1 33 ? 0.250   -0.517  -4.540  1.00 2.32  ? 935  HIS A N   1 
ATOM   259 C  CA  . HIS A 1 33 ? 0.001   0.828   -5.048  1.00 3.32  ? 935  HIS A CA  1 
ATOM   260 C  C   . HIS A 1 33 ? -1.418  1.220   -4.672  1.00 3.78  ? 935  HIS A C   1 
ATOM   261 O  O   . HIS A 1 33 ? -2.354  0.439   -4.851  1.00 3.78  ? 935  HIS A O   1 
ATOM   262 C  CB  . HIS A 1 33 ? 0.171   0.899   -6.570  1.00 2.66  ? 935  HIS A CB  1 
ATOM   263 C  CG  . HIS A 1 33 ? 1.482   0.375   -7.071  1.00 2.31  ? 935  HIS A CG  1 
ATOM   264 N  ND1 . HIS A 1 33 ? 1.602   -0.831  -7.730  1.00 5.83  ? 935  HIS A ND1 1 
ATOM   265 C  CD2 . HIS A 1 33 ? 2.726   0.903   -7.032  1.00 3.61  ? 935  HIS A CD2 1 
ATOM   266 C  CE1 . HIS A 1 33 ? 2.863   -1.027  -8.068  1.00 3.24  ? 935  HIS A CE1 1 
ATOM   267 N  NE2 . HIS A 1 33 ? 3.569   0.011   -7.651  1.00 4.26  ? 935  HIS A NE2 1 
ATOM   268 N  N   . GLY A 1 34 ? -1.572  2.415   -4.120  1.00 3.51  ? 936  GLY A N   1 
ATOM   269 C  CA  . GLY A 1 34 ? -2.909  2.914   -3.847  1.00 4.66  ? 936  GLY A CA  1 
ATOM   270 C  C   . GLY A 1 34 ? -3.843  2.823   -5.045  1.00 6.22  ? 936  GLY A C   1 
ATOM   271 O  O   . GLY A 1 34 ? -5.024  2.490   -4.896  1.00 3.69  ? 936  GLY A O   1 
ATOM   272 N  N   . THR A 1 35 ? -3.324  3.112   -6.250  1.00 4.10  ? 937  THR A N   1 
ATOM   273 C  CA  . THR A 1 35 ? -4.141  3.035   -7.461  1.00 5.06  ? 937  THR A CA  1 
ATOM   274 C  C   . THR A 1 35 ? -4.830  1.686   -7.580  1.00 4.33  ? 937  THR A C   1 
ATOM   275 O  O   . THR A 1 35 ? -6.018  1.600   -7.905  1.00 3.24  ? 937  THR A O   1 
ATOM   276 C  CB  . THR A 1 35 ? -3.297  3.263   -8.723  1.00 4.26  ? 937  THR A CB  1 
ATOM   277 O  OG1 . THR A 1 35 ? -2.400  4.367   -8.552  1.00 4.09  ? 937  THR A OG1 1 
ATOM   278 C  CG2 . THR A 1 35 ? -4.218  3.551   -9.911  1.00 5.58  ? 937  THR A CG2 1 
ATOM   279 N  N   . CYS A 1 36 ? -4.078  0.618   -7.339  1.00 4.50  ? 938  CYS A N   1 
ATOM   280 C  CA  . CYS A 1 36 ? -4.537  -0.728  -7.652  1.00 5.82  ? 938  CYS A CA  1 
ATOM   281 C  C   . CYS A 1 36 ? -5.512  -1.276  -6.623  1.00 6.55  ? 938  CYS A C   1 
ATOM   282 O  O   . CYS A 1 36 ? -6.243  -2.227  -6.923  1.00 3.20  ? 938  CYS A O   1 
ATOM   283 C  CB  . CYS A 1 36 ? -3.334  -1.657  -7.767  1.00 3.46  ? 938  CYS A CB  1 
ATOM   284 S  SG  . CYS A 1 36 ? -2.104  -1.071  -8.936  1.00 4.79  ? 938  CYS A SG  1 
ATOM   285 N  N   . VAL A 1 37 ? -5.524  -0.716  -5.418  1.00 5.54  ? 939  VAL A N   1 
ATOM   286 C  CA  . VAL A 1 37 ? -6.445  -1.138  -4.377  1.00 3.39  ? 939  VAL A CA  1 
ATOM   287 C  C   . VAL A 1 37 ? -7.477  -0.064  -4.080  1.00 4.89  ? 939  VAL A C   1 
ATOM   288 O  O   . VAL A 1 37 ? -8.242  -0.193  -3.119  1.00 6.36  ? 939  VAL A O   1 
ATOM   289 C  CB  . VAL A 1 37 ? -5.687  -1.559  -3.110  1.00 3.12  ? 939  VAL A CB  1 
ATOM   290 C  CG1 . VAL A 1 37 ? -4.866  -2.805  -3.417  1.00 4.13  ? 939  VAL A CG1 1 
ATOM   291 C  CG2 . VAL A 1 37 ? -4.791  -0.420  -2.601  1.00 2.88  ? 939  VAL A CG2 1 
ATOM   292 N  N   . GLY A 1 38 ? -7.526  0.993   -4.893  1.00 4.01  ? 940  GLY A N   1 
ATOM   293 C  CA  . GLY A 1 38 ? -8.533  2.030   -4.739  1.00 5.46  ? 940  GLY A CA  1 
ATOM   294 C  C   . GLY A 1 38 ? -8.329  2.954   -3.556  1.00 5.62  ? 940  GLY A C   1 
ATOM   295 O  O   . GLY A 1 38 ? -9.301  3.526   -3.049  1.00 6.24  ? 940  GLY A O   1 
ATOM   296 N  N   . VAL A 1 39 ? -7.093  3.127   -3.093  1.00 4.74  ? 941  VAL A N   1 
ATOM   297 C  CA  . VAL A 1 39 ? -6.827  3.922   -1.899  1.00 4.38  ? 941  VAL A CA  1 
ATOM   298 C  C   . VAL A 1 39 ? -5.968  5.118   -2.296  1.00 6.10  ? 941  VAL A C   1 
ATOM   299 O  O   . VAL A 1 39 ? -4.846  4.942   -2.779  1.00 4.61  ? 941  VAL A O   1 
ATOM   300 C  CB  . VAL A 1 39 ? -6.145  3.080   -0.809  1.00 4.85  ? 941  VAL A CB  1 
ATOM   301 C  CG1 . VAL A 1 39 ? -5.778  3.958   0.380   1.00 6.77  ? 941  VAL A CG1 1 
ATOM   302 C  CG2 . VAL A 1 39 ? -7.074  1.925   -0.368  1.00 5.36  ? 941  VAL A CG2 1 
ATOM   303 N  N   . THR A 1 40 ? -6.489  6.327   -2.095  1.00 5.26  ? 942  THR A N   1 
ATOM   304 C  CA  . THR A 1 40 ? -5.714  7.531   -2.380  1.00 6.21  ? 942  THR A CA  1 
ATOM   305 C  C   . THR A 1 40 ? -4.779  7.838   -1.211  1.00 4.29  ? 942  THR A C   1 
ATOM   306 O  O   . THR A 1 40 ? -4.918  7.288   -0.116  1.00 5.62  ? 942  THR A O   1 
ATOM   307 C  CB  . THR A 1 40 ? -6.631  8.732   -2.628  1.00 9.62  ? 942  THR A CB  1 
ATOM   308 O  OG1 . THR A 1 40 ? -7.394  8.996   -1.442  1.00 5.29  ? 942  THR A OG1 1 
ATOM   309 C  CG2 . THR A 1 40 ? -7.583  8.488   -3.817  1.00 7.16  ? 942  THR A CG2 1 
ATOM   310 N  N   . LYS A 1 41 ? -3.816  8.736   -1.445  1.00 5.31  ? 943  LYS A N   1 
ATOM   311 C  CA  . LYS A 1 41 ? -2.932  9.158   -0.358  1.00 6.27  ? 943  LYS A CA  1 
ATOM   312 C  C   . LYS A 1 41 ? -3.740  9.693   0.822   1.00 7.79  ? 943  LYS A C   1 
ATOM   313 O  O   . LYS A 1 41 ? -3.474  9.347   1.978   1.00 5.64  ? 943  LYS A O   1 
ATOM   314 C  CB  . LYS A 1 41 ? -1.941  10.216  -0.845  1.00 7.53  ? 943  LYS A CB  1 
ATOM   315 C  CG  . LYS A 1 41 ? -0.856  9.693   -1.760  1.00 8.19  ? 943  LYS A CG  1 
ATOM   316 C  CD  . LYS A 1 41 ? 0.142   10.795  -2.152  1.00 12.11 ? 943  LYS A CD  1 
ATOM   317 C  CE  . LYS A 1 41 ? -0.498  11.847  -3.066  1.00 12.96 ? 943  LYS A CE  1 
ATOM   318 N  NZ  . LYS A 1 41 ? -0.889  11.294  -4.405  1.00 10.11 ? 943  LYS A NZ  1 
ATOM   319 N  N   . ALA A 1 42 ? -4.739  10.535  0.545   1.00 5.28  ? 944  ALA A N   1 
ATOM   320 C  CA  . ALA A 1 42 ? -5.556  11.083  1.624   1.00 6.56  ? 944  ALA A CA  1 
ATOM   321 C  C   . ALA A 1 42 ? -6.270  9.975   2.391   1.00 8.12  ? 944  ALA A C   1 
ATOM   322 O  O   . ALA A 1 42 ? -6.337  10.008  3.627   1.00 10.86 ? 944  ALA A O   1 
ATOM   323 C  CB  . ALA A 1 42 ? -6.556  12.095  1.060   1.00 9.41  ? 944  ALA A CB  1 
ATOM   324 N  N   . MET A 1 43 ? -6.785  8.966   1.684   1.00 6.14  ? 945  MET A N   1 
ATOM   325 C  CA  . MET A 1 43 ? -7.441  7.853   2.369   1.00 7.19  ? 945  MET A CA  1 
ATOM   326 C  C   . MET A 1 43 ? -6.460  7.090   3.238   1.00 7.92  ? 945  MET A C   1 
ATOM   327 O  O   . MET A 1 43 ? -6.752  6.777   4.394   1.00 8.34  ? 945  MET A O   1 
ATOM   328 C  CB  . MET A 1 43 ? -8.074  6.898   1.367   1.00 6.49  ? 945  MET A CB  1 
ATOM   329 C  CG  . MET A 1 43 ? -9.313  7.417   0.696   1.00 9.79  ? 945  MET A CG  1 
ATOM   330 S  SD  . MET A 1 43 ? -9.870  6.163   -0.473  1.00 12.28 ? 945  MET A SD  1 
ATOM   331 C  CE  . MET A 1 43 ? -10.997 7.142   -1.454  1.00 14.05 ? 945  MET A CE  1 
ATOM   332 N  N   . GLY A 1 44 ? -5.293  6.758   2.683   1.00 5.56  ? 946  GLY A N   1 
ATOM   333 C  CA  . GLY A 1 44 ? -4.359  5.914   3.408   1.00 8.77  ? 946  GLY A CA  1 
ATOM   334 C  C   . GLY A 1 44 ? -3.719  6.620   4.585   1.00 9.81  ? 946  GLY A C   1 
ATOM   335 O  O   . GLY A 1 44 ? -3.492  6.014   5.637   1.00 11.53 ? 946  GLY A O   1 
ATOM   336 N  N   . THR A 1 45 ? -3.392  7.900   4.422   1.00 9.04  ? 947  THR A N   1 
ATOM   337 C  CA  . THR A 1 45 ? -2.807  8.628   5.537   1.00 10.31 ? 947  THR A CA  1 
ATOM   338 C  C   . THR A 1 45 ? -3.811  8.763   6.666   1.00 12.31 ? 947  THR A C   1 
ATOM   339 O  O   . THR A 1 45 ? -3.444  8.699   7.844   1.00 11.55 ? 947  THR A O   1 
ATOM   340 C  CB  . THR A 1 45 ? -2.320  10.002  5.081   1.00 12.17 ? 947  THR A CB  1 
ATOM   341 O  OG1 . THR A 1 45 ? -3.395  10.722  4.482   1.00 14.15 ? 947  THR A OG1 1 
ATOM   342 C  CG2 . THR A 1 45 ? -1.203  9.846   4.055   1.00 12.01 ? 947  THR A CG2 1 
ATOM   343 N  N   . ASP A 1 46 ? -5.086  8.930   6.324   1.00 10.51 ? 948  ASP A N   1 
ATOM   344 C  CA  . ASP A 1 46 ? -6.104  9.077   7.352   1.00 14.21 ? 948  ASP A CA  1 
ATOM   345 C  C   . ASP A 1 46 ? -6.271  7.789   8.150   1.00 9.61  ? 948  ASP A C   1 
ATOM   346 O  O   . ASP A 1 46 ? -6.427  7.829   9.374   1.00 10.79 ? 948  ASP A O   1 
ATOM   347 C  CB  . ASP A 1 46 ? -7.424  9.502   6.719   1.00 11.38 ? 948  ASP A CB  1 
ATOM   348 C  CG  . ASP A 1 46 ? -8.389  10.024  7.736   1.00 19.74 ? 948  ASP A CG  1 
ATOM   349 O  OD1 . ASP A 1 46 ? -7.930  10.721  8.674   1.00 22.10 ? 948  ASP A OD1 1 
ATOM   350 O  OD2 . ASP A 1 46 ? -9.595  9.726   7.612   1.00 20.17 ? 948  ASP A OD2 1 
ATOM   351 N  N   . MET A 1 47 ? -6.234  6.637   7.474   1.00 7.94  ? 949  MET A N   1 
ATOM   352 C  CA  . MET A 1 47 ? -6.259  5.368   8.193   1.00 10.05 ? 949  MET A CA  1 
ATOM   353 C  C   . MET A 1 47 ? -5.049  5.237   9.100   1.00 12.06 ? 949  MET A C   1 
ATOM   354 O  O   . MET A 1 47 ? -5.175  4.826   10.259  1.00 9.20  ? 949  MET A O   1 
ATOM   355 C  CB  . MET A 1 47 ? -6.312  4.193   7.212   1.00 8.79  ? 949  MET A CB  1 
ATOM   356 C  CG  . MET A 1 47 ? -7.692  3.956   6.622   1.00 7.14  ? 949  MET A CG  1 
ATOM   357 S  SD  . MET A 1 47 ? -7.730  2.441   5.647   1.00 10.40 ? 949  MET A SD  1 
ATOM   358 C  CE  . MET A 1 47 ? -6.639  2.896   4.328   1.00 7.29  ? 949  MET A CE  1 
ATOM   359 N  N   . GLU A 1 48 ? -3.866  5.599   8.596   1.00 9.22  ? 950  GLU A N   1 
ATOM   360 C  CA  . GLU A 1 48 ? -2.663  5.449   9.405   1.00 13.96 ? 950  GLU A CA  1 
ATOM   361 C  C   . GLU A 1 48 ? -2.712  6.361   10.620  1.00 11.71 ? 950  GLU A C   1 
ATOM   362 O  O   . GLU A 1 48 ? -2.362  5.942   11.729  1.00 11.70 ? 950  GLU A O   1 
ATOM   363 C  CB  . GLU A 1 48 ? -1.410  5.729   8.573   1.00 10.84 ? 950  GLU A CB  1 
ATOM   364 C  CG  . GLU A 1 48 ? -0.113  5.590   9.378   1.00 12.55 ? 950  GLU A CG  1 
ATOM   365 C  CD  . GLU A 1 48 ? 1.130   5.592   8.509   1.00 16.32 ? 950  GLU A CD  1 
ATOM   366 O  OE1 . GLU A 1 48 ? 0.993   5.752   7.280   1.00 17.61 ? 950  GLU A OE1 1 
ATOM   367 O  OE2 . GLU A 1 48 ? 2.246   5.439   9.053   1.00 18.46 ? 950  GLU A OE2 1 
ATOM   368 N  N   . ASN A 1 49 ? -3.159  7.610   10.429  1.00 9.60  ? 951  ASN A N   1 
ATOM   369 C  CA  . ASN A 1 49 ? -3.241  8.562   11.538  1.00 10.52 ? 951  ASN A CA  1 
ATOM   370 C  C   . ASN A 1 49 ? -4.213  8.093   12.607  1.00 11.47 ? 951  ASN A C   1 
ATOM   371 O  O   . ASN A 1 49 ? -3.982  8.324   13.802  1.00 12.14 ? 951  ASN A O   1 
ATOM   372 C  CB  . ASN A 1 49 ? -3.664  9.945   11.027  1.00 10.57 ? 951  ASN A CB  1 
ATOM   373 C  CG  . ASN A 1 49 ? -2.517  10.713  10.396  1.00 11.02 ? 951  ASN A CG  1 
ATOM   374 O  OD1 . ASN A 1 49 ? -1.352  10.490  10.739  1.00 12.05 ? 951  ASN A OD1 1 
ATOM   375 N  ND2 . ASN A 1 49 ? -2.834  11.614  9.465   1.00 7.57  ? 951  ASN A ND2 1 
ATOM   376 N  N   . LYS A 1 50 ? -5.299  7.433   12.211  1.00 11.12 ? 952  LYS A N   1 
ATOM   377 C  CA  . LYS A 1 50 ? -6.336  7.056   13.160  1.00 11.64 ? 952  LYS A CA  1 
ATOM   378 C  C   . LYS A 1 50 ? -6.151  5.649   13.702  1.00 11.42 ? 952  LYS A C   1 
ATOM   379 O  O   . LYS A 1 50 ? -7.020  5.156   14.428  1.00 12.51 ? 952  LYS A O   1 
ATOM   380 C  CB  . LYS A 1 50 ? -7.706  7.218   12.517  1.00 11.71 ? 952  LYS A CB  1 
ATOM   381 C  CG  . LYS A 1 50 ? -8.099  8.674   12.372  1.00 16.77 ? 952  LYS A CG  1 
ATOM   382 C  CD  . LYS A 1 50 ? -9.377  8.829   11.590  1.00 14.21 ? 952  LYS A CD  1 
ATOM   383 C  CE  . LYS A 1 50 ? -9.833  10.269  11.587  1.00 16.43 ? 952  LYS A CE  1 
ATOM   384 N  NZ  . LYS A 1 50 ? -8.730  11.183  11.211  1.00 20.95 ? 952  LYS A NZ  1 
ATOM   385 N  N   . GLY A 1 51 ? -5.024  5.013   13.400  1.00 8.66  ? 953  GLY A N   1 
ATOM   386 C  CA  . GLY A 1 51 ? -4.757  3.669   13.881  1.00 11.39 ? 953  GLY A CA  1 
ATOM   387 C  C   . GLY A 1 51 ? -5.690  2.620   13.331  1.00 13.46 ? 953  GLY A C   1 
ATOM   388 O  O   . GLY A 1 51 ? -5.924  1.599   13.987  1.00 14.73 ? 953  GLY A O   1 
ATOM   389 N  N   . ILE A 1 52 ? -6.238  2.841   12.141  1.00 13.63 ? 954  ILE A N   1 
ATOM   390 C  CA  . ILE A 1 52 ? -7.206  1.937   11.536  1.00 11.59 ? 954  ILE A CA  1 
ATOM   391 C  C   . ILE A 1 52 ? -6.460  1.000   10.598  1.00 13.85 ? 954  ILE A C   1 
ATOM   392 O  O   . ILE A 1 52 ? -5.829  1.446   9.631   1.00 10.29 ? 954  ILE A O   1 
ATOM   393 C  CB  . ILE A 1 52 ? -8.304  2.719   10.799  1.00 12.59 ? 954  ILE A CB  1 
ATOM   394 C  CG1 . ILE A 1 52 ? -9.245  3.384   11.813  1.00 16.83 ? 954  ILE A CG1 1 
ATOM   395 C  CG2 . ILE A 1 52 ? -9.069  1.805   9.864   1.00 15.68 ? 954  ILE A CG2 1 
ATOM   396 C  CD1 . ILE A 1 52 ? -10.299 4.294   11.198  1.00 12.34 ? 954  ILE A CD1 1 
ATOM   397 N  N   . ASP A 1 53 ? -6.527  -0.297  10.878  1.00 14.70 ? 955  ASP A N   1 
ATOM   398 C  CA  . ASP A 1 53 ? -5.819  -1.268  10.058  1.00 14.18 ? 955  ASP A CA  1 
ATOM   399 C  C   . ASP A 1 53 ? -6.513  -1.451  8.709   1.00 10.97 ? 955  ASP A C   1 
ATOM   400 O  O   . ASP A 1 53 ? -7.717  -1.227  8.563   1.00 9.64  ? 955  ASP A O   1 
ATOM   401 C  CB  . ASP A 1 53 ? -5.706  -2.606  10.798  1.00 16.28 ? 955  ASP A CB  1 
ATOM   402 C  CG  . ASP A 1 53 ? -4.602  -2.594  11.857  1.00 24.28 ? 955  ASP A CG  1 
ATOM   403 O  OD1 . ASP A 1 53 ? -4.008  -1.510  12.100  1.00 20.10 ? 955  ASP A OD1 1 
ATOM   404 O  OD2 . ASP A 1 53 ? -4.325  -3.670  12.441  1.00 29.42 ? 955  ASP A OD2 1 
ATOM   405 N  N   . TRP A 1 54 ? -5.725  -1.846  7.710   1.00 8.59  ? 956  TRP A N   1 
ATOM   406 C  CA  . TRP A 1 54 ? -6.223  -2.041  6.357   1.00 7.13  ? 956  TRP A CA  1 
ATOM   407 C  C   . TRP A 1 54 ? -5.660  -3.344  5.813   1.00 8.28  ? 956  TRP A C   1 
ATOM   408 O  O   . TRP A 1 54 ? -4.500  -3.679  6.079   1.00 8.15  ? 956  TRP A O   1 
ATOM   409 C  CB  . TRP A 1 54 ? -5.836  -0.853  5.457   1.00 7.02  ? 956  TRP A CB  1 
ATOM   410 C  CG  . TRP A 1 54 ? -6.183  -1.051  4.006   1.00 9.69  ? 956  TRP A CG  1 
ATOM   411 C  CD1 . TRP A 1 54 ? -7.377  -0.770  3.394   1.00 10.11 ? 956  TRP A CD1 1 
ATOM   412 C  CD2 . TRP A 1 54 ? -5.326  -1.577  2.991   1.00 7.17  ? 956  TRP A CD2 1 
ATOM   413 N  NE1 . TRP A 1 54 ? -7.306  -1.093  2.058   1.00 7.13  ? 956  TRP A NE1 1 
ATOM   414 C  CE2 . TRP A 1 54 ? -6.058  -1.587  1.789   1.00 6.89  ? 956  TRP A CE2 1 
ATOM   415 C  CE3 . TRP A 1 54 ? -4.009  -2.051  2.986   1.00 7.74  ? 956  TRP A CE3 1 
ATOM   416 C  CZ2 . TRP A 1 54 ? -5.519  -2.057  0.598   1.00 6.25  ? 956  TRP A CZ2 1 
ATOM   417 C  CZ3 . TRP A 1 54 ? -3.477  -2.506  1.797   1.00 5.98  ? 956  TRP A CZ3 1 
ATOM   418 C  CH2 . TRP A 1 54 ? -4.232  -2.507  0.620   1.00 7.73  ? 956  TRP A CH2 1 
ATOM   419 N  N   . LYS A 1 55 ? -6.485  -4.082  5.068   1.00 5.79  ? 957  LYS A N   1 
ATOM   420 C  CA  . LYS A 1 55 ? -6.089  -5.333  4.430   1.00 8.41  ? 957  LYS A CA  1 
ATOM   421 C  C   . LYS A 1 55 ? -6.309  -5.262  2.925   1.00 9.72  ? 957  LYS A C   1 
ATOM   422 O  O   . LYS A 1 55 ? -7.295  -4.679  2.457   1.00 11.35 ? 957  LYS A O   1 
ATOM   423 C  CB  . LYS A 1 55 ? -6.876  -6.525  4.993   1.00 9.17  ? 957  LYS A CB  1 
ATOM   424 C  CG  . LYS A 1 55 ? -6.450  -6.922  6.389   1.00 13.13 ? 957  LYS A CG  1 
ATOM   425 C  CD  . LYS A 1 55 ? -6.922  -8.323  6.715   1.00 19.15 ? 957  LYS A CD  1 
ATOM   426 C  CE  . LYS A 1 55 ? -8.200  -8.282  7.490   1.00 22.89 ? 957  LYS A CE  1 
ATOM   427 N  NZ  . LYS A 1 55 ? -7.910  -7.755  8.851   1.00 33.34 ? 957  LYS A NZ  1 
ATOM   428 N  N   . CYS A 1 56 ? -5.391  -5.868  2.174   1.00 7.74  ? 958  CYS A N   1 
ATOM   429 C  CA  . CYS A 1 56 ? -5.485  -5.920  0.726   1.00 11.07 ? 958  CYS A CA  1 
ATOM   430 C  C   . CYS A 1 56 ? -6.665  -6.814  0.322   1.00 8.32  ? 958  CYS A C   1 
ATOM   431 O  O   . CYS A 1 56 ? -7.217  -7.546  1.153   1.00 8.53  ? 958  CYS A O   1 
ATOM   432 C  CB  . CYS A 1 56 ? -4.160  -6.423  0.145   1.00 8.89  ? 958  CYS A CB  1 
ATOM   433 S  SG  . CYS A 1 56 ? -3.956  -8.209  0.300   1.00 7.28  ? 958  CYS A SG  1 
ATOM   434 N  N   . PRO A 1 57 ? -7.091  -6.768  -0.950  1.00 10.58 ? 959  PRO A N   1 
ATOM   435 C  CA  . PRO A 1 57 ? -8.293  -7.538  -1.325  1.00 13.87 ? 959  PRO A CA  1 
ATOM   436 C  C   . PRO A 1 57 ? -8.130  -9.033  -1.126  1.00 10.83 ? 959  PRO A C   1 
ATOM   437 O  O   . PRO A 1 57 ? -9.073  -9.705  -0.699  1.00 11.94 ? 959  PRO A O   1 
ATOM   438 C  CB  . PRO A 1 57 ? -8.501  -7.171  -2.806  1.00 11.26 ? 959  PRO A CB  1 
ATOM   439 C  CG  . PRO A 1 57 ? -7.804  -5.832  -2.967  1.00 9.08  ? 959  PRO A CG  1 
ATOM   440 C  CD  . PRO A 1 57 ? -6.595  -5.955  -2.078  1.00 9.13  ? 959  PRO A CD  1 
ATOM   441 N  N   . LYS A 1 58 ? -6.947  -9.569  -1.406  1.00 9.57  ? 960  LYS A N   1 
ATOM   442 C  CA  . LYS A 1 58 ? -6.728  -10.997 -1.219  1.00 10.83 ? 960  LYS A CA  1 
ATOM   443 C  C   . LYS A 1 58 ? -6.799  -11.370 0.257   1.00 13.73 ? 960  LYS A C   1 
ATOM   444 O  O   . LYS A 1 58 ? -7.403  -12.385 0.624   1.00 12.37 ? 960  LYS A O   1 
ATOM   445 C  CB  . LYS A 1 58 ? -5.380  -11.396 -1.820  1.00 13.21 ? 960  LYS A CB  1 
ATOM   446 C  CG  . LYS A 1 58 ? -4.983  -12.842 -1.557  1.00 16.72 ? 960  LYS A CG  1 
ATOM   447 C  CD  . LYS A 1 58 ? -3.540  -13.094 -1.933  1.00 16.77 ? 960  LYS A CD  1 
ATOM   448 C  CE  . LYS A 1 58 ? -2.600  -12.361 -0.987  1.00 21.86 ? 960  LYS A CE  1 
ATOM   449 N  NZ  . LYS A 1 58 ? -2.953  -12.614 0.465   1.00 28.26 ? 960  LYS A NZ  1 
ATOM   450 N  N   . CYS A 1 59 ? -6.206  -10.547 1.123   1.00 9.23  ? 961  CYS A N   1 
ATOM   451 C  CA  . CYS A 1 59 ? -6.257  -10.847 2.548   1.00 12.79 ? 961  CYS A CA  1 
ATOM   452 C  C   . CYS A 1 59 ? -7.659  -10.684 3.109   1.00 10.39 ? 961  CYS A C   1 
ATOM   453 O  O   . CYS A 1 59 ? -8.025  -11.398 4.044   1.00 13.29 ? 961  CYS A O   1 
ATOM   454 C  CB  . CYS A 1 59 ? -5.264  -9.971  3.311   1.00 9.72  ? 961  CYS A CB  1 
ATOM   455 S  SG  . CYS A 1 59 ? -3.585  -10.634 3.217   1.00 7.01  ? 961  CYS A SG  1 
ATOM   456 N  N   . VAL A 1 60 ? -8.457  -9.771  2.555   1.00 10.90 ? 962  VAL A N   1 
ATOM   457 C  CA  . VAL A 1 60 ? -9.837  -9.625  3.013   1.00 15.54 ? 962  VAL A CA  1 
ATOM   458 C  C   . VAL A 1 60 ? -10.633 -10.909 2.769   1.00 16.12 ? 962  VAL A C   1 
ATOM   459 O  O   . VAL A 1 60 ? -11.448 -11.316 3.606   1.00 15.36 ? 962  VAL A O   1 
ATOM   460 C  CB  . VAL A 1 60 ? -10.494 -8.402  2.343   1.00 13.84 ? 962  VAL A CB  1 
ATOM   461 C  CG1 . VAL A 1 60 ? -12.015 -8.474  2.456   1.00 25.91 ? 962  VAL A CG1 1 
ATOM   462 C  CG2 . VAL A 1 60 ? -9.987  -7.120  2.988   1.00 14.65 ? 962  VAL A CG2 1 
ATOM   463 N  N   . LYS A 1 61 ? -10.394 -11.581 1.642   1.00 14.63 ? 963  LYS A N   1 
ATOM   464 C  CA  . LYS A 1 61 ? -11.133 -12.810 1.310   1.00 20.45 ? 963  LYS A CA  1 
ATOM   465 C  C   . LYS A 1 61 ? -10.564 -14.085 1.941   1.00 23.07 ? 963  LYS A C   1 
ATOM   466 O  O   . LYS A 1 61 ? -9.497  -14.080 2.561   1.00 20.20 ? 963  LYS A O   1 
ATOM   467 C  CB  . LYS A 1 61 ? -11.203 -13.002 -0.210  1.00 21.44 ? 963  LYS A CB  1 
ATOM   468 C  CG  . LYS A 1 61 ? -11.721 -11.804 -0.980  1.00 27.17 ? 963  LYS A CG  1 
ATOM   469 C  CD  . LYS A 1 61 ? -11.186 -11.797 -2.403  1.00 32.77 ? 963  LYS A CD  1 
ATOM   470 C  CE  . LYS A 1 61 ? -11.880 -10.728 -3.255  1.00 36.46 ? 963  LYS A CE  1 
ATOM   471 N  NZ  . LYS A 1 61 ? -10.901 -10.013 -4.148  1.00 35.09 ? 963  LYS A NZ  1 
ATOM   472 N  N   . ALA B 2 1  ? -1.878  0.177   8.899   1.00 16.16 ? 1    ALA C N   1 
ATOM   473 C  CA  . ALA B 2 1  ? -1.277  0.078   7.575   1.00 19.70 ? 1    ALA C CA  1 
ATOM   474 C  C   . ALA B 2 1  ? -0.247  1.186   7.344   1.00 19.00 ? 1    ALA C C   1 
ATOM   475 O  O   . ALA B 2 1  ? -0.593  2.364   7.271   1.00 24.26 ? 1    ALA C O   1 
ATOM   476 C  CB  . ALA B 2 1  ? -2.353  0.123   6.505   1.00 15.20 ? 1    ALA C CB  1 
ATOM   477 N  N   . ARG B 2 2  ? 1.021   0.796   7.243   1.00 19.82 ? 2    ARG C N   1 
ATOM   478 C  CA  . ARG B 2 2  ? 2.071   1.750   6.936   1.00 18.27 ? 2    ARG C CA  1 
ATOM   479 C  C   . ARG B 2 2  ? 1.860   2.327   5.540   1.00 13.58 ? 2    ARG C C   1 
ATOM   480 O  O   . ARG B 2 2  ? 1.179   1.736   4.694   1.00 9.31  ? 2    ARG C O   1 
ATOM   481 C  CB  . ARG B 2 2  ? 3.441   1.076   7.053   1.00 18.97 ? 2    ARG C CB  1 
ATOM   482 C  CG  . ARG B 2 2  ? 3.664   0.434   8.416   1.00 29.45 ? 2    ARG C CG  1 
ATOM   483 C  CD  . ARG B 2 2  ? 5.021   -0.250  8.536   1.00 25.86 ? 2    ARG C CD  1 
ATOM   484 N  NE  . ARG B 2 2  ? 6.095   0.557   7.971   1.00 26.31 ? 2    ARG C NE  1 
ATOM   485 C  CZ  . ARG B 2 2  ? 7.086   0.062   7.236   1.00 29.37 ? 2    ARG C CZ  1 
ATOM   486 N  NH1 . ARG B 2 2  ? 8.027   0.868   6.756   1.00 29.89 ? 2    ARG C NH1 1 
ATOM   487 N  NH2 . ARG B 2 2  ? 7.137   -1.241  6.983   1.00 28.94 ? 2    ARG C NH2 1 
ATOM   488 N  N   . THR B 2 3  ? 2.403   3.523   5.321   1.00 10.64 ? 3    THR C N   1 
ATOM   489 C  CA  . THR B 2 3  ? 2.317   4.169   4.014   1.00 10.15 ? 3    THR C CA  1 
ATOM   490 C  C   . THR B 2 3  ? 3.662   4.732   3.599   1.00 10.08 ? 3    THR C C   1 
ATOM   491 O  O   . THR B 2 3  ? 4.505   5.022   4.436   1.00 9.67  ? 3    THR C O   1 
ATOM   492 C  CB  . THR B 2 3  ? 1.300   5.328   3.986   1.00 11.39 ? 3    THR C CB  1 
ATOM   493 O  OG1 . THR B 2 3  ? 1.706   6.342   4.916   1.00 9.22  ? 3    THR C OG1 1 
ATOM   494 C  CG2 . THR B 2 3  ? -0.114  4.843   4.315   1.00 9.57  ? 3    THR C CG2 1 
HETATM 495 N  N   . M3L B 2 4  ? 3.830   4.949   2.300   1.00 8.60  ? 4    M3L C N   1 
HETATM 496 C  CA  . M3L B 2 4  ? 5.038   5.562   1.783   1.00 13.07 ? 4    M3L C CA  1 
HETATM 497 C  CB  . M3L B 2 4  ? 6.168   4.561   1.552   1.00 12.76 ? 4    M3L C CB  1 
HETATM 498 C  CG  . M3L B 2 4  ? 5.948   3.582   0.411   1.00 10.15 ? 4    M3L C CG  1 
HETATM 499 C  CD  . M3L B 2 4  ? 7.220   2.763   0.212   1.00 10.13 ? 4    M3L C CD  1 
HETATM 500 C  CE  . M3L B 2 4  ? 6.926   1.430   -0.461  1.00 11.12 ? 4    M3L C CE  1 
HETATM 501 N  NZ  . M3L B 2 4  ? 8.139   0.619   -0.632  1.00 10.01 1 4    M3L C NZ  1 
HETATM 502 C  C   . M3L B 2 4  ? 4.695   6.390   0.566   1.00 11.86 ? 4    M3L C C   1 
HETATM 503 O  O   . M3L B 2 4  ? 3.744   6.055   -0.161  1.00 10.08 ? 4    M3L C O   1 
HETATM 504 C  CM1 . M3L B 2 4  ? 9.232   1.407   -1.208  1.00 9.37  ? 4    M3L C CM1 1 
HETATM 505 C  CM2 . M3L B 2 4  ? 7.820   -0.486  -1.543  1.00 7.68  ? 4    M3L C CM2 1 
HETATM 506 C  CM3 . M3L B 2 4  ? 8.579   0.082   0.658   1.00 11.67 ? 4    M3L C CM3 1 
ATOM   507 N  N   . GLN B 2 5  ? 5.443   7.473   0.364   1.00 10.69 ? 5    GLN C N   1 
ATOM   508 C  CA  . GLN B 2 5  ? 5.269   8.400   -0.763  1.00 13.77 ? 5    GLN C CA  1 
ATOM   509 C  C   . GLN B 2 5  ? 3.917   9.097   -0.665  1.00 12.59 ? 5    GLN C C   1 
ATOM   510 O  O   . GLN B 2 5  ? 3.105   9.036   -1.587  1.00 8.86  ? 5    GLN C O   1 
ATOM   511 C  CB  . GLN B 2 5  ? 5.395   7.680   -2.110  1.00 11.18 ? 5    GLN C CB  1 
ATOM   512 C  CG  . GLN B 2 5  ? 6.778   7.145   -2.384  1.00 14.25 ? 5    GLN C CG  1 
ATOM   513 C  CD  . GLN B 2 5  ? 7.839   8.132   -2.006  1.00 23.34 ? 5    GLN C CD  1 
ATOM   514 O  OE1 . GLN B 2 5  ? 8.475   8.012   -0.954  1.00 29.75 ? 5    GLN C OE1 1 
ATOM   515 N  NE2 . GLN B 2 5  ? 8.031   9.134   -2.852  1.00 18.17 ? 5    GLN C NE2 1 
ATOM   516 N  N   . THR B 2 6  ? 3.687   9.776   0.458   1.00 11.35 ? 6    THR C N   1 
ATOM   517 C  CA  . THR B 2 6  ? 2.398   10.390  0.741   1.00 12.53 ? 6    THR C CA  1 
ATOM   518 C  C   . THR B 2 6  ? 2.412   11.904  0.585   1.00 17.30 ? 6    THR C C   1 
ATOM   519 O  O   . THR B 2 6  ? 1.409   12.553  0.907   1.00 14.36 ? 6    THR C O   1 
ATOM   520 C  CB  . THR B 2 6  ? 1.940   10.020  2.157   1.00 12.51 ? 6    THR C CB  1 
ATOM   521 O  OG1 . THR B 2 6  ? 3.008   10.264  3.089   1.00 12.49 ? 6    THR C OG1 1 
ATOM   522 C  CG2 . THR B 2 6  ? 1.565   8.539   2.215   1.00 10.82 ? 6    THR C CG2 1 
ATOM   523 N  N   . ALA B 2 7  ? 3.518   12.482  0.110   1.00 14.46 ? 7    ALA C N   1 
ATOM   524 C  CA  . ALA B 2 7  ? 3.652   13.940  0.043   1.00 14.42 ? 7    ALA C CA  1 
ATOM   525 C  C   . ALA B 2 7  ? 2.610   14.562  -0.881  1.00 15.72 ? 7    ALA C C   1 
ATOM   526 O  O   . ALA B 2 7  ? 2.355   14.040  -1.973  1.00 16.25 ? 7    ALA C O   1 
ATOM   527 C  CB  . ALA B 2 7  ? 5.058   14.328  -0.409  1.00 22.08 ? 7    ALA C CB  1 
HETATM 528 ZN ZN  . ZN  C 3 .  ? -0.111  -2.050  -8.280  1.00 6.27  ? 1001 ZN  A ZN  1 
HETATM 529 ZN ZN  . ZN  D 3 .  ? -2.661  -8.643  2.259   1.00 8.98  ? 1002 ZN  A ZN  1 
HETATM 530 O  O   . HOH E 4 .  ? 12.564  -8.000  -0.549  1.00 22.42 ? 1101 HOH A O   1 
HETATM 531 O  O   . HOH E 4 .  ? -8.081  -9.548  10.347  1.00 29.74 ? 1102 HOH A O   1 
HETATM 532 O  O   . HOH E 4 .  ? 9.780   5.207   -11.415 1.00 32.61 ? 1103 HOH A O   1 
HETATM 533 O  O   . HOH E 4 .  ? -8.647  -4.493  0.448   1.00 15.58 ? 1104 HOH A O   1 
HETATM 534 O  O   . HOH E 4 .  ? -8.542  -10.633 -4.256  1.00 21.57 ? 1105 HOH A O   1 
HETATM 535 O  O   . HOH E 4 .  ? 4.071   5.336   7.379   1.00 19.36 ? 1106 HOH A O   1 
HETATM 536 O  O   . HOH E 4 .  ? 5.023   9.889   -5.672  1.00 20.43 ? 1107 HOH A O   1 
HETATM 537 O  O   . HOH E 4 .  ? 0.071   -4.523  10.838  1.00 15.05 ? 1108 HOH A O   1 
HETATM 538 O  O   . HOH E 4 .  ? 0.785   -4.830  -14.482 1.00 10.31 ? 1109 HOH A O   1 
HETATM 539 O  O   . HOH E 4 .  ? -3.555  2.095   8.653   1.00 17.69 ? 1110 HOH A O   1 
HETATM 540 O  O   . HOH E 4 .  ? 10.891  -2.026  -3.089  1.00 8.81  ? 1111 HOH A O   1 
HETATM 541 O  O   . HOH E 4 .  ? -9.270  10.751  -1.655  1.00 15.38 ? 1112 HOH A O   1 
HETATM 542 O  O   . HOH E 4 .  ? -7.884  -14.574 -0.665  1.00 23.96 ? 1113 HOH A O   1 
HETATM 543 O  O   . HOH E 4 .  ? -11.308 -8.491  -1.204  1.00 18.79 ? 1114 HOH A O   1 
HETATM 544 O  O   . HOH E 4 .  ? 9.977   -1.721  -6.412  1.00 5.68  ? 1115 HOH A O   1 
HETATM 545 O  O   . HOH E 4 .  ? 14.759  -6.398  -8.013  1.00 10.46 ? 1116 HOH A O   1 
HETATM 546 O  O   . HOH E 4 .  ? -9.508  -2.344  10.143  1.00 21.79 ? 1117 HOH A O   1 
HETATM 547 O  O   . HOH E 4 .  ? 10.829  1.706   -8.656  1.00 11.19 ? 1118 HOH A O   1 
HETATM 548 O  O   . HOH E 4 .  ? 2.352   -6.652  -2.896  1.00 10.85 ? 1119 HOH A O   1 
HETATM 549 O  O   . HOH E 4 .  ? -1.559  -10.341 -9.123  1.00 5.69  ? 1120 HOH A O   1 
HETATM 550 O  O   . HOH E 4 .  ? -10.307 0.179   -1.509  1.00 20.74 ? 1121 HOH A O   1 
HETATM 551 O  O   . HOH E 4 .  ? -5.589  0.887   16.520  1.00 28.58 ? 1122 HOH A O   1 
HETATM 552 O  O   . HOH E 4 .  ? 0.952   -2.207  7.720   1.00 15.52 ? 1123 HOH A O   1 
HETATM 553 O  O   . HOH E 4 .  ? -3.574  -13.770 2.806   1.00 26.28 ? 1124 HOH A O   1 
HETATM 554 O  O   . HOH E 4 .  ? 6.803   3.868   -3.392  1.00 8.67  ? 1125 HOH A O   1 
HETATM 555 O  O   . HOH E 4 .  ? 0.618   -7.951  10.724  1.00 6.86  ? 1126 HOH A O   1 
HETATM 556 O  O   . HOH E 4 .  ? 0.441   5.776   -8.451  1.00 3.93  ? 1127 HOH A O   1 
HETATM 557 O  O   . HOH E 4 .  ? 14.936  -7.057  -3.546  1.00 17.95 ? 1128 HOH A O   1 
HETATM 558 O  O   . HOH E 4 .  ? -10.564 9.348   5.090   1.00 10.11 ? 1129 HOH A O   1 
HETATM 559 O  O   . HOH E 4 .  ? 0.921   -10.512 9.678   1.00 8.98  ? 1130 HOH A O   1 
HETATM 560 O  O   . HOH E 4 .  ? -11.180 11.716  8.635   1.00 19.18 ? 1131 HOH A O   1 
HETATM 561 O  O   . HOH E 4 .  ? -5.767  12.330  8.118   1.00 25.65 ? 1132 HOH A O   1 
HETATM 562 O  O   . HOH E 4 .  ? 9.012   -9.305  -5.655  1.00 17.65 ? 1133 HOH A O   1 
HETATM 563 O  O   . HOH E 4 .  ? 10.644  -8.798  -7.855  1.00 10.68 ? 1134 HOH A O   1 
HETATM 564 O  O   . HOH E 4 .  ? -8.171  3.543   16.419  1.00 36.31 ? 1135 HOH A O   1 
HETATM 565 O  O   . HOH E 4 .  ? 5.301   -5.769  -14.937 1.00 21.96 ? 1136 HOH A O   1 
HETATM 566 O  O   . HOH E 4 .  ? 4.763   0.956   -10.952 1.00 8.97  ? 1137 HOH A O   1 
HETATM 567 O  O   . HOH E 4 .  ? 6.594   -5.374  5.433   1.00 27.18 ? 1138 HOH A O   1 
HETATM 568 O  O   . HOH E 4 .  ? -11.525 2.625   -1.528  1.00 11.96 ? 1139 HOH A O   1 
HETATM 569 O  O   . HOH E 4 .  ? -0.661  4.727   -6.028  1.00 5.24  ? 1140 HOH A O   1 
HETATM 570 O  O   . HOH E 4 .  ? 11.729  -4.306  -12.450 1.00 24.16 ? 1141 HOH A O   1 
HETATM 571 O  O   . HOH E 4 .  ? 7.037   -7.531  2.330   1.00 24.07 ? 1142 HOH A O   1 
HETATM 572 O  O   . HOH E 4 .  ? 0.066   -0.181  -11.593 1.00 9.07  ? 1143 HOH A O   1 
HETATM 573 O  O   . HOH E 4 .  ? 0.430   -10.476 -0.529  1.00 13.75 ? 1144 HOH A O   1 
HETATM 574 O  O   . HOH E 4 .  ? 16.030  -1.395  1.178   1.00 18.80 ? 1145 HOH A O   1 
HETATM 575 O  O   . HOH E 4 .  ? -9.371  -3.331  5.028   1.00 13.61 ? 1146 HOH A O   1 
HETATM 576 O  O   . HOH E 4 .  ? 3.485   -11.977 2.429   1.00 23.23 ? 1147 HOH A O   1 
HETATM 577 O  O   . HOH E 4 .  ? -1.654  12.613  -7.034  1.00 21.43 ? 1148 HOH A O   1 
HETATM 578 O  O   . HOH E 4 .  ? -5.237  11.982  -2.088  1.00 9.28  ? 1149 HOH A O   1 
HETATM 579 O  O   . HOH E 4 .  ? 8.220   -4.031  4.324   1.00 21.03 ? 1150 HOH A O   1 
HETATM 580 O  O   . HOH E 4 .  ? -10.087 -0.920  0.595   1.00 18.74 ? 1151 HOH A O   1 
HETATM 581 O  O   . HOH E 4 .  ? -5.997  12.851  5.015   1.00 21.53 ? 1152 HOH A O   1 
HETATM 582 O  O   . HOH E 4 .  ? -7.998  2.095   -10.392 1.00 25.63 ? 1153 HOH A O   1 
HETATM 583 O  O   . HOH E 4 .  ? -2.000  1.370   -11.894 1.00 19.90 ? 1154 HOH A O   1 
HETATM 584 O  O   . HOH E 4 .  ? 13.428  -8.768  -4.339  1.00 18.14 ? 1155 HOH A O   1 
HETATM 585 O  O   . HOH E 4 .  ? 6.737   -9.597  -3.864  1.00 25.92 ? 1156 HOH A O   1 
HETATM 586 O  O   . HOH E 4 .  ? 4.891   -8.757  -3.709  1.00 17.38 ? 1157 HOH A O   1 
HETATM 587 O  O   . HOH E 4 .  ? -4.105  -8.372  -2.826  1.00 10.17 ? 1158 HOH A O   1 
HETATM 588 O  O   . HOH E 4 .  ? 9.162   4.971   -2.566  1.00 22.58 ? 1159 HOH A O   1 
HETATM 589 O  O   . HOH E 4 .  ? -9.631  11.031  3.296   1.00 24.05 ? 1160 HOH A O   1 
HETATM 590 O  O   . HOH E 4 .  ? -9.734  -5.329  7.126   1.00 26.15 ? 1161 HOH A O   1 
HETATM 591 O  O   . HOH E 4 .  ? -11.685 -0.785  -3.923  1.00 26.04 ? 1162 HOH A O   1 
HETATM 592 O  O   . HOH E 4 .  ? -8.211  12.893  4.785   1.00 26.73 ? 1163 HOH A O   1 
HETATM 593 O  O   . HOH E 4 .  ? 1.041   -9.244  -3.195  1.00 18.82 ? 1164 HOH A O   1 
HETATM 594 O  O   . HOH E 4 .  ? 13.311  -8.609  -7.025  1.00 17.91 ? 1165 HOH A O   1 
HETATM 595 O  O   . HOH E 4 .  ? -1.751  3.351   -13.301 1.00 23.30 ? 1166 HOH A O   1 
HETATM 596 O  O   . HOH E 4 .  ? -3.873  -0.111  -11.397 1.00 24.69 ? 1167 HOH A O   1 
HETATM 597 O  O   . HOH E 4 .  ? 0.433   -11.470 -5.037  1.00 28.33 ? 1168 HOH A O   1 
HETATM 598 O  O   . HOH E 4 .  ? -2.052  -9.651  -4.162  1.00 18.35 ? 1169 HOH A O   1 
HETATM 599 O  O   . HOH E 4 .  ? 9.490   -3.965  -14.412 1.00 22.17 ? 1170 HOH A O   1 
HETATM 600 O  O   . HOH F 4 .  ? 3.419   12.574  -3.899  1.00 19.25 ? 101  HOH C O   1 
HETATM 601 O  O   . HOH F 4 .  ? -2.914  3.274   6.286   1.00 20.15 ? 102  HOH C O   1 
HETATM 602 O  O   . HOH F 4 .  ? 3.251   10.017  -4.101  1.00 9.71  ? 103  HOH C O   1 
HETATM 603 O  O   . HOH F 4 .  ? -2.876  1.309   11.243  1.00 21.06 ? 104  HOH C O   1 
HETATM 604 O  O   . HOH F 4 .  ? 6.192   10.473  1.779   1.00 10.22 ? 105  HOH C O   1 
HETATM 605 O  O   . HOH F 4 .  ? 7.377   8.011   2.640   1.00 14.59 ? 106  HOH C O   1 
HETATM 606 O  O   . HOH F 4 .  ? 5.942   11.450  -1.896  1.00 16.44 ? 107  HOH C O   1 
HETATM 607 O  O   . HOH F 4 .  ? 5.252   -3.786  8.041   1.00 27.52 ? 108  HOH C O   1 
HETATM 608 O  O   . HOH F 4 .  ? 7.861   11.648  -0.442  1.00 27.48 ? 109  HOH C O   1 
# 
loop_
_pdbx_poly_seq_scheme.asym_id 
_pdbx_poly_seq_scheme.entity_id 
_pdbx_poly_seq_scheme.seq_id 
_pdbx_poly_seq_scheme.mon_id 
_pdbx_poly_seq_scheme.ndb_seq_num 
_pdbx_poly_seq_scheme.pdb_seq_num 
_pdbx_poly_seq_scheme.auth_seq_num 
_pdbx_poly_seq_scheme.pdb_mon_id 
_pdbx_poly_seq_scheme.auth_mon_id 
_pdbx_poly_seq_scheme.pdb_strand_id 
_pdbx_poly_seq_scheme.pdb_ins_code 
_pdbx_poly_seq_scheme.hetero 
A 1 1  GLY 1  903 ?   ?   ?   A . n 
A 1 2  ASP 2  904 ?   ?   ?   A . n 
A 1 3  ASP 3  905 905 ASP ASP A . n 
A 1 4  ASP 4  906 906 ASP ASP A . n 
A 1 5  ASP 5  907 907 ASP ASP A . n 
A 1 6  PRO 6  908 908 PRO PRO A . n 
A 1 7  ASN 7  909 909 ASN ASN A . n 
A 1 8  LYS 8  910 910 LYS LYS A . n 
A 1 9  LEU 9  911 911 LEU LEU A . n 
A 1 10 TRP 10 912 912 TRP TRP A . n 
A 1 11 CYS 11 913 913 CYS CYS A . n 
A 1 12 ILE 12 914 914 ILE ILE A . n 
A 1 13 CYS 13 915 915 CYS CYS A . n 
A 1 14 ARG 14 916 916 ARG ARG A . n 
A 1 15 GLN 15 917 917 GLN GLN A . n 
A 1 16 PRO 16 918 918 PRO PRO A . n 
A 1 17 HIS 17 919 919 HIS HIS A . n 
A 1 18 ASN 18 920 920 ASN ASN A . n 
A 1 19 ASN 19 921 921 ASN ASN A . n 
A 1 20 ARG 20 922 922 ARG ARG A . n 
A 1 21 PHE 21 923 923 PHE PHE A . n 
A 1 22 MET 22 924 924 MET MET A . n 
A 1 23 ILE 23 925 925 ILE ILE A . n 
A 1 24 CYS 24 926 926 CYS CYS A . n 
A 1 25 CYS 25 927 927 CYS CYS A . n 
A 1 26 ASP 26 928 928 ASP ASP A . n 
A 1 27 LEU 27 929 929 LEU LEU A . n 
A 1 28 CYS 28 930 930 CYS CYS A . n 
A 1 29 GLU 29 931 931 GLU GLU A . n 
A 1 30 ASP 30 932 932 ASP ASP A . n 
A 1 31 TRP 31 933 933 TRP TRP A . n 
A 1 32 PHE 32 934 934 PHE PHE A . n 
A 1 33 HIS 33 935 935 HIS HIS A . n 
A 1 34 GLY 34 936 936 GLY GLY A . n 
A 1 35 THR 35 937 937 THR THR A . n 
A 1 36 CYS 36 938 938 CYS CYS A . n 
A 1 37 VAL 37 939 939 VAL VAL A . n 
A 1 38 GLY 38 940 940 GLY GLY A . n 
A 1 39 VAL 39 941 941 VAL VAL A . n 
A 1 40 THR 40 942 942 THR THR A . n 
A 1 41 LYS 41 943 943 LYS LYS A . n 
A 1 42 ALA 42 944 944 ALA ALA A . n 
A 1 43 MET 43 945 945 MET MET A . n 
A 1 44 GLY 44 946 946 GLY GLY A . n 
A 1 45 THR 45 947 947 THR THR A . n 
A 1 46 ASP 46 948 948 ASP ASP A . n 
A 1 47 MET 47 949 949 MET MET A . n 
A 1 48 GLU 48 950 950 GLU GLU A . n 
A 1 49 ASN 49 951 951 ASN ASN A . n 
A 1 50 LYS 50 952 952 LYS LYS A . n 
A 1 51 GLY 51 953 953 GLY GLY A . n 
A 1 52 ILE 52 954 954 ILE ILE A . n 
A 1 53 ASP 53 955 955 ASP ASP A . n 
A 1 54 TRP 54 956 956 TRP TRP A . n 
A 1 55 LYS 55 957 957 LYS LYS A . n 
A 1 56 CYS 56 958 958 CYS CYS A . n 
A 1 57 PRO 57 959 959 PRO PRO A . n 
A 1 58 LYS 58 960 960 LYS LYS A . n 
A 1 59 CYS 59 961 961 CYS CYS A . n 
A 1 60 VAL 60 962 962 VAL VAL A . n 
A 1 61 LYS 61 963 963 LYS LYS A . n 
A 1 62 ARG 62 964 ?   ?   ?   A . n 
A 1 63 GLN 63 965 ?   ?   ?   A . n 
B 2 1  ALA 1  1   1   ALA ALA C . n 
B 2 2  ARG 2  2   2   ARG ARG C . n 
B 2 3  THR 3  3   3   THR THR C . n 
B 2 4  M3L 4  4   4   M3L M3L C . n 
B 2 5  GLN 5  5   5   GLN GLN C . n 
B 2 6  THR 6  6   6   THR THR C . n 
B 2 7  ALA 7  7   7   ALA ALA C . n 
B 2 8  ARG 8  8   ?   ?   ?   C . n 
B 2 9  LYS 9  9   ?   ?   ?   C . n 
B 2 10 SER 10 10  ?   ?   ?   C . n 
B 2 11 THR 11 11  ?   ?   ?   C . n 
B 2 12 GLY 12 12  ?   ?   ?   C . n 
# 
loop_
_pdbx_nonpoly_scheme.asym_id 
_pdbx_nonpoly_scheme.entity_id 
_pdbx_nonpoly_scheme.mon_id 
_pdbx_nonpoly_scheme.ndb_seq_num 
_pdbx_nonpoly_scheme.pdb_seq_num 
_pdbx_nonpoly_scheme.auth_seq_num 
_pdbx_nonpoly_scheme.pdb_mon_id 
_pdbx_nonpoly_scheme.auth_mon_id 
_pdbx_nonpoly_scheme.pdb_strand_id 
_pdbx_nonpoly_scheme.pdb_ins_code 
C 3 ZN  1  1001 1  ZN  ZN  A . 
D 3 ZN  1  1002 2  ZN  ZN  A . 
E 4 HOH 1  1101 25 HOH HOH A . 
E 4 HOH 2  1102 73 HOH HOH A . 
E 4 HOH 3  1103 35 HOH HOH A . 
E 4 HOH 4  1104 31 HOH HOH A . 
E 4 HOH 5  1105 49 HOH HOH A . 
E 4 HOH 6  1106 72 HOH HOH A . 
E 4 HOH 7  1107 54 HOH HOH A . 
E 4 HOH 8  1108 33 HOH HOH A . 
E 4 HOH 9  1109 14 HOH HOH A . 
E 4 HOH 10 1110 17 HOH HOH A . 
E 4 HOH 11 1111 12 HOH HOH A . 
E 4 HOH 12 1112 29 HOH HOH A . 
E 4 HOH 13 1113 61 HOH HOH A . 
E 4 HOH 14 1114 53 HOH HOH A . 
E 4 HOH 15 1115 4  HOH HOH A . 
E 4 HOH 16 1116 9  HOH HOH A . 
E 4 HOH 17 1117 40 HOH HOH A . 
E 4 HOH 18 1118 39 HOH HOH A . 
E 4 HOH 19 1119 15 HOH HOH A . 
E 4 HOH 20 1120 3  HOH HOH A . 
E 4 HOH 21 1121 34 HOH HOH A . 
E 4 HOH 22 1122 87 HOH HOH A . 
E 4 HOH 23 1123 28 HOH HOH A . 
E 4 HOH 24 1124 82 HOH HOH A . 
E 4 HOH 25 1125 6  HOH HOH A . 
E 4 HOH 26 1126 5  HOH HOH A . 
E 4 HOH 27 1127 10 HOH HOH A . 
E 4 HOH 28 1128 13 HOH HOH A . 
E 4 HOH 29 1129 1  HOH HOH A . 
E 4 HOH 30 1130 16 HOH HOH A . 
E 4 HOH 31 1131 44 HOH HOH A . 
E 4 HOH 32 1132 45 HOH HOH A . 
E 4 HOH 33 1133 36 HOH HOH A . 
E 4 HOH 34 1134 22 HOH HOH A . 
E 4 HOH 35 1135 38 HOH HOH A . 
E 4 HOH 36 1136 32 HOH HOH A . 
E 4 HOH 37 1137 21 HOH HOH A . 
E 4 HOH 38 1138 67 HOH HOH A . 
E 4 HOH 39 1139 47 HOH HOH A . 
E 4 HOH 40 1140 2  HOH HOH A . 
E 4 HOH 41 1141 70 HOH HOH A . 
E 4 HOH 42 1142 68 HOH HOH A . 
E 4 HOH 43 1143 7  HOH HOH A . 
E 4 HOH 44 1144 19 HOH HOH A . 
E 4 HOH 45 1145 37 HOH HOH A . 
E 4 HOH 46 1146 20 HOH HOH A . 
E 4 HOH 47 1147 42 HOH HOH A . 
E 4 HOH 48 1148 27 HOH HOH A . 
E 4 HOH 49 1149 23 HOH HOH A . 
E 4 HOH 50 1150 30 HOH HOH A . 
E 4 HOH 51 1151 48 HOH HOH A . 
E 4 HOH 52 1152 55 HOH HOH A . 
E 4 HOH 53 1153 41 HOH HOH A . 
E 4 HOH 54 1154 52 HOH HOH A . 
E 4 HOH 55 1155 26 HOH HOH A . 
E 4 HOH 56 1156 77 HOH HOH A . 
E 4 HOH 57 1157 75 HOH HOH A . 
E 4 HOH 58 1158 18 HOH HOH A . 
E 4 HOH 59 1159 50 HOH HOH A . 
E 4 HOH 60 1160 83 HOH HOH A . 
E 4 HOH 61 1161 71 HOH HOH A . 
E 4 HOH 62 1162 60 HOH HOH A . 
E 4 HOH 63 1163 56 HOH HOH A . 
E 4 HOH 64 1164 84 HOH HOH A . 
E 4 HOH 65 1165 46 HOH HOH A . 
E 4 HOH 66 1166 66 HOH HOH A . 
E 4 HOH 67 1167 51 HOH HOH A . 
E 4 HOH 68 1168 85 HOH HOH A . 
E 4 HOH 69 1169 86 HOH HOH A . 
E 4 HOH 70 1170 64 HOH HOH A . 
F 4 HOH 1  101  24 HOH HOH C . 
F 4 HOH 2  102  57 HOH HOH C . 
F 4 HOH 3  103  8  HOH HOH C . 
F 4 HOH 4  104  58 HOH HOH C . 
F 4 HOH 5  105  11 HOH HOH C . 
F 4 HOH 6  106  43 HOH HOH C . 
F 4 HOH 7  107  76 HOH HOH C . 
F 4 HOH 8  108  81 HOH HOH C . 
F 4 HOH 9  109  79 HOH HOH C . 
# 
_pdbx_struct_assembly.id                   1 
_pdbx_struct_assembly.details              author_and_software_defined_assembly 
_pdbx_struct_assembly.method_details       PISA 
_pdbx_struct_assembly.oligomeric_details   dimeric 
_pdbx_struct_assembly.oligomeric_count     2 
# 
_pdbx_struct_assembly_gen.assembly_id       1 
_pdbx_struct_assembly_gen.oper_expression   1 
_pdbx_struct_assembly_gen.asym_id_list      A,B,C,D,E,F 
# 
loop_
_pdbx_struct_assembly_prop.biol_id 
_pdbx_struct_assembly_prop.type 
_pdbx_struct_assembly_prop.value 
_pdbx_struct_assembly_prop.details 
1 'ABSA (A^2)' 1150 ? 
1 MORE         -10  ? 
1 'SSA (A^2)'  4510 ? 
# 
_pdbx_struct_oper_list.id                   1 
_pdbx_struct_oper_list.type                 'identity operation' 
_pdbx_struct_oper_list.name                 1_555 
_pdbx_struct_oper_list.symmetry_operation   x,y,z 
_pdbx_struct_oper_list.matrix[1][1]         1.0000000000 
_pdbx_struct_oper_list.matrix[1][2]         0.0000000000 
_pdbx_struct_oper_list.matrix[1][3]         0.0000000000 
_pdbx_struct_oper_list.vector[1]            0.0000000000 
_pdbx_struct_oper_list.matrix[2][1]         0.0000000000 
_pdbx_struct_oper_list.matrix[2][2]         1.0000000000 
_pdbx_struct_oper_list.matrix[2][3]         0.0000000000 
_pdbx_struct_oper_list.vector[2]            0.0000000000 
_pdbx_struct_oper_list.matrix[3][1]         0.0000000000 
_pdbx_struct_oper_list.matrix[3][2]         0.0000000000 
_pdbx_struct_oper_list.matrix[3][3]         1.0000000000 
_pdbx_struct_oper_list.vector[3]            0.0000000000 
# 
loop_
_pdbx_struct_conn_angle.id 
_pdbx_struct_conn_angle.ptnr1_label_atom_id 
_pdbx_struct_conn_angle.ptnr1_label_alt_id 
_pdbx_struct_conn_angle.ptnr1_label_asym_id 
_pdbx_struct_conn_angle.ptnr1_label_comp_id 
_pdbx_struct_conn_angle.ptnr1_label_seq_id 
_pdbx_struct_conn_angle.ptnr1_auth_atom_id 
_pdbx_struct_conn_angle.ptnr1_auth_asym_id 
_pdbx_struct_conn_angle.ptnr1_auth_comp_id 
_pdbx_struct_conn_angle.ptnr1_auth_seq_id 
_pdbx_struct_conn_angle.ptnr1_PDB_ins_code 
_pdbx_struct_conn_angle.ptnr1_symmetry 
_pdbx_struct_conn_angle.ptnr2_label_atom_id 
_pdbx_struct_conn_angle.ptnr2_label_alt_id 
_pdbx_struct_conn_angle.ptnr2_label_asym_id 
_pdbx_struct_conn_angle.ptnr2_label_comp_id 
_pdbx_struct_conn_angle.ptnr2_label_seq_id 
_pdbx_struct_conn_angle.ptnr2_auth_atom_id 
_pdbx_struct_conn_angle.ptnr2_auth_asym_id 
_pdbx_struct_conn_angle.ptnr2_auth_comp_id 
_pdbx_struct_conn_angle.ptnr2_auth_seq_id 
_pdbx_struct_conn_angle.ptnr2_PDB_ins_code 
_pdbx_struct_conn_angle.ptnr2_symmetry 
_pdbx_struct_conn_angle.ptnr3_label_atom_id 
_pdbx_struct_conn_angle.ptnr3_label_alt_id 
_pdbx_struct_conn_angle.ptnr3_label_asym_id 
_pdbx_struct_conn_angle.ptnr3_label_comp_id 
_pdbx_struct_conn_angle.ptnr3_label_seq_id 
_pdbx_struct_conn_angle.ptnr3_auth_atom_id 
_pdbx_struct_conn_angle.ptnr3_auth_asym_id 
_pdbx_struct_conn_angle.ptnr3_auth_comp_id 
_pdbx_struct_conn_angle.ptnr3_auth_seq_id 
_pdbx_struct_conn_angle.ptnr3_PDB_ins_code 
_pdbx_struct_conn_angle.ptnr3_symmetry 
_pdbx_struct_conn_angle.value 
_pdbx_struct_conn_angle.value_esd 
1  SG  ? A CYS 11 ? A CYS 913 ? 1_555 ZN ? C ZN . ? A ZN 1001 ? 1_555 SG  ? A CYS 13 ? A CYS 915 ? 1_555 120.8 ? 
2  SG  ? A CYS 11 ? A CYS 913 ? 1_555 ZN ? C ZN . ? A ZN 1001 ? 1_555 ND1 ? A HIS 33 ? A HIS 935 ? 1_555 103.1 ? 
3  SG  ? A CYS 13 ? A CYS 915 ? 1_555 ZN ? C ZN . ? A ZN 1001 ? 1_555 ND1 ? A HIS 33 ? A HIS 935 ? 1_555 90.7  ? 
4  SG  ? A CYS 11 ? A CYS 913 ? 1_555 ZN ? C ZN . ? A ZN 1001 ? 1_555 SG  ? A CYS 36 ? A CYS 938 ? 1_555 107.5 ? 
5  SG  ? A CYS 13 ? A CYS 915 ? 1_555 ZN ? C ZN . ? A ZN 1001 ? 1_555 SG  ? A CYS 36 ? A CYS 938 ? 1_555 113.6 ? 
6  ND1 ? A HIS 33 ? A HIS 935 ? 1_555 ZN ? C ZN . ? A ZN 1001 ? 1_555 SG  ? A CYS 36 ? A CYS 938 ? 1_555 120.8 ? 
7  SG  ? A CYS 25 ? A CYS 927 ? 1_555 ZN ? D ZN . ? A ZN 1002 ? 1_555 SG  ? A CYS 28 ? A CYS 930 ? 1_555 104.4 ? 
8  SG  ? A CYS 25 ? A CYS 927 ? 1_555 ZN ? D ZN . ? A ZN 1002 ? 1_555 SG  ? A CYS 56 ? A CYS 958 ? 1_555 113.4 ? 
9  SG  ? A CYS 28 ? A CYS 930 ? 1_555 ZN ? D ZN . ? A ZN 1002 ? 1_555 SG  ? A CYS 56 ? A CYS 958 ? 1_555 118.5 ? 
10 SG  ? A CYS 25 ? A CYS 927 ? 1_555 ZN ? D ZN . ? A ZN 1002 ? 1_555 SG  ? A CYS 59 ? A CYS 961 ? 1_555 105.1 ? 
11 SG  ? A CYS 28 ? A CYS 930 ? 1_555 ZN ? D ZN . ? A ZN 1002 ? 1_555 SG  ? A CYS 59 ? A CYS 961 ? 1_555 109.1 ? 
12 SG  ? A CYS 56 ? A CYS 958 ? 1_555 ZN ? D ZN . ? A ZN 1002 ? 1_555 SG  ? A CYS 59 ? A CYS 961 ? 1_555 105.7 ? 
# 
loop_
_pdbx_audit_revision_history.ordinal 
_pdbx_audit_revision_history.data_content_type 
_pdbx_audit_revision_history.major_revision 
_pdbx_audit_revision_history.minor_revision 
_pdbx_audit_revision_history.revision_date 
1 'Structure model' 1 0 2017-10-04 
2 'Structure model' 1 1 2017-10-18 
3 'Structure model' 1 2 2019-12-11 
4 'Structure model' 1 3 2023-10-04 
# 
_pdbx_audit_revision_details.ordinal             1 
_pdbx_audit_revision_details.revision_ordinal    1 
_pdbx_audit_revision_details.data_content_type   'Structure model' 
_pdbx_audit_revision_details.provider            repository 
_pdbx_audit_revision_details.type                'Initial release' 
_pdbx_audit_revision_details.description         ? 
_pdbx_audit_revision_details.details             ? 
# 
loop_
_pdbx_audit_revision_group.ordinal 
_pdbx_audit_revision_group.revision_ordinal 
_pdbx_audit_revision_group.data_content_type 
_pdbx_audit_revision_group.group 
1 2 'Structure model' 'Database references'        
2 3 'Structure model' 'Author supporting evidence' 
3 4 'Structure model' 'Data collection'            
4 4 'Structure model' 'Database references'        
5 4 'Structure model' 'Derived calculations'       
6 4 'Structure model' 'Refinement description'     
# 
loop_
_pdbx_audit_revision_category.ordinal 
_pdbx_audit_revision_category.revision_ordinal 
_pdbx_audit_revision_category.data_content_type 
_pdbx_audit_revision_category.category 
1 2 'Structure model' citation                      
2 3 'Structure model' pdbx_audit_support            
3 4 'Structure model' chem_comp_atom                
4 4 'Structure model' chem_comp_bond                
5 4 'Structure model' database_2                    
6 4 'Structure model' pdbx_initial_refinement_model 
7 4 'Structure model' struct_conn                   
8 4 'Structure model' struct_conn_type              
# 
loop_
_pdbx_audit_revision_item.ordinal 
_pdbx_audit_revision_item.revision_ordinal 
_pdbx_audit_revision_item.data_content_type 
_pdbx_audit_revision_item.item 
1  2 'Structure model' '_citation.journal_volume'                 
2  2 'Structure model' '_citation.page_first'                     
3  2 'Structure model' '_citation.page_last'                      
4  3 'Structure model' '_pdbx_audit_support.funding_organization' 
5  4 'Structure model' '_database_2.pdbx_DOI'                     
6  4 'Structure model' '_database_2.pdbx_database_accession'      
7  4 'Structure model' '_struct_conn.conn_type_id'                
8  4 'Structure model' '_struct_conn.id'                          
9  4 'Structure model' '_struct_conn.pdbx_dist_value'             
10 4 'Structure model' '_struct_conn.pdbx_leaving_atom_flag'      
11 4 'Structure model' '_struct_conn.ptnr1_auth_asym_id'          
12 4 'Structure model' '_struct_conn.ptnr1_auth_comp_id'          
13 4 'Structure model' '_struct_conn.ptnr1_auth_seq_id'           
14 4 'Structure model' '_struct_conn.ptnr1_label_asym_id'         
15 4 'Structure model' '_struct_conn.ptnr1_label_atom_id'         
16 4 'Structure model' '_struct_conn.ptnr1_label_comp_id'         
17 4 'Structure model' '_struct_conn.ptnr1_label_seq_id'          
18 4 'Structure model' '_struct_conn.ptnr2_auth_asym_id'          
19 4 'Structure model' '_struct_conn.ptnr2_auth_comp_id'          
20 4 'Structure model' '_struct_conn.ptnr2_auth_seq_id'           
21 4 'Structure model' '_struct_conn.ptnr2_label_asym_id'         
22 4 'Structure model' '_struct_conn.ptnr2_label_atom_id'         
23 4 'Structure model' '_struct_conn.ptnr2_label_comp_id'         
24 4 'Structure model' '_struct_conn.ptnr2_label_seq_id'          
25 4 'Structure model' '_struct_conn_type.id'                     
# 
loop_
_software.citation_id 
_software.classification 
_software.compiler_name 
_software.compiler_version 
_software.contact_author 
_software.contact_author_email 
_software.date 
_software.description 
_software.dependencies 
_software.hardware 
_software.language 
_software.location 
_software.mods 
_software.name 
_software.os 
_software.os_version 
_software.type 
_software.version 
_software.pdbx_ordinal 
? refinement       ? ? ? ? ? ? ? ? ? ? ? PHENIX   ? ? ? '(1.11.1_2575: ???)' 1 
? 'data reduction' ? ? ? ? ? ? ? ? ? ? ? HKL-3000 ? ? ? .                    2 
? 'data scaling'   ? ? ? ? ? ? ? ? ? ? ? HKL-3000 ? ? ? .                    3 
? phasing          ? ? ? ? ? ? ? ? ? ? ? PHENIX   ? ? ? .                    4 
# 
_pdbx_validate_close_contact.id               1 
_pdbx_validate_close_contact.PDB_model_num    1 
_pdbx_validate_close_contact.auth_atom_id_1   O 
_pdbx_validate_close_contact.auth_asym_id_1   A 
_pdbx_validate_close_contact.auth_comp_id_1   HOH 
_pdbx_validate_close_contact.auth_seq_id_1    1156 
_pdbx_validate_close_contact.PDB_ins_code_1   ? 
_pdbx_validate_close_contact.label_alt_id_1   ? 
_pdbx_validate_close_contact.auth_atom_id_2   O 
_pdbx_validate_close_contact.auth_asym_id_2   A 
_pdbx_validate_close_contact.auth_comp_id_2   HOH 
_pdbx_validate_close_contact.auth_seq_id_2    1157 
_pdbx_validate_close_contact.PDB_ins_code_2   ? 
_pdbx_validate_close_contact.label_alt_id_2   ? 
_pdbx_validate_close_contact.dist             2.03 
# 
_pdbx_validate_torsion.id              1 
_pdbx_validate_torsion.PDB_model_num   1 
_pdbx_validate_torsion.auth_comp_id    CYS 
_pdbx_validate_torsion.auth_asym_id    A 
_pdbx_validate_torsion.auth_seq_id     913 
_pdbx_validate_torsion.PDB_ins_code    ? 
_pdbx_validate_torsion.label_alt_id    ? 
_pdbx_validate_torsion.phi             75.12 
_pdbx_validate_torsion.psi             177.83 
# 
loop_
_pdbx_unobs_or_zero_occ_residues.id 
_pdbx_unobs_or_zero_occ_residues.PDB_model_num 
_pdbx_unobs_or_zero_occ_residues.polymer_flag 
_pdbx_unobs_or_zero_occ_residues.occupancy_flag 
_pdbx_unobs_or_zero_occ_residues.auth_asym_id 
_pdbx_unobs_or_zero_occ_residues.auth_comp_id 
_pdbx_unobs_or_zero_occ_residues.auth_seq_id 
_pdbx_unobs_or_zero_occ_residues.PDB_ins_code 
_pdbx_unobs_or_zero_occ_residues.label_asym_id 
_pdbx_unobs_or_zero_occ_residues.label_comp_id 
_pdbx_unobs_or_zero_occ_residues.label_seq_id 
1 1 Y 1 A GLY 903 ? A GLY 1  
2 1 Y 1 A ASP 904 ? A ASP 2  
3 1 Y 1 A ARG 964 ? A ARG 62 
4 1 Y 1 A GLN 965 ? A GLN 63 
5 1 Y 1 C ARG 8   ? B ARG 8  
6 1 Y 1 C LYS 9   ? B LYS 9  
7 1 Y 1 C SER 10  ? B SER 10 
8 1 Y 1 C THR 11  ? B THR 11 
9 1 Y 1 C GLY 12  ? B GLY 12 
# 
loop_
_chem_comp_atom.comp_id 
_chem_comp_atom.atom_id 
_chem_comp_atom.type_symbol 
_chem_comp_atom.pdbx_aromatic_flag 
_chem_comp_atom.pdbx_stereo_config 
_chem_comp_atom.pdbx_ordinal 
ALA N    N  N N 1   
ALA CA   C  N S 2   
ALA C    C  N N 3   
ALA O    O  N N 4   
ALA CB   C  N N 5   
ALA OXT  O  N N 6   
ALA H    H  N N 7   
ALA H2   H  N N 8   
ALA HA   H  N N 9   
ALA HB1  H  N N 10  
ALA HB2  H  N N 11  
ALA HB3  H  N N 12  
ALA HXT  H  N N 13  
ARG N    N  N N 14  
ARG CA   C  N S 15  
ARG C    C  N N 16  
ARG O    O  N N 17  
ARG CB   C  N N 18  
ARG CG   C  N N 19  
ARG CD   C  N N 20  
ARG NE   N  N N 21  
ARG CZ   C  N N 22  
ARG NH1  N  N N 23  
ARG NH2  N  N N 24  
ARG OXT  O  N N 25  
ARG H    H  N N 26  
ARG H2   H  N N 27  
ARG HA   H  N N 28  
ARG HB2  H  N N 29  
ARG HB3  H  N N 30  
ARG HG2  H  N N 31  
ARG HG3  H  N N 32  
ARG HD2  H  N N 33  
ARG HD3  H  N N 34  
ARG HE   H  N N 35  
ARG HH11 H  N N 36  
ARG HH12 H  N N 37  
ARG HH21 H  N N 38  
ARG HH22 H  N N 39  
ARG HXT  H  N N 40  
ASN N    N  N N 41  
ASN CA   C  N S 42  
ASN C    C  N N 43  
ASN O    O  N N 44  
ASN CB   C  N N 45  
ASN CG   C  N N 46  
ASN OD1  O  N N 47  
ASN ND2  N  N N 48  
ASN OXT  O  N N 49  
ASN H    H  N N 50  
ASN H2   H  N N 51  
ASN HA   H  N N 52  
ASN HB2  H  N N 53  
ASN HB3  H  N N 54  
ASN HD21 H  N N 55  
ASN HD22 H  N N 56  
ASN HXT  H  N N 57  
ASP N    N  N N 58  
ASP CA   C  N S 59  
ASP C    C  N N 60  
ASP O    O  N N 61  
ASP CB   C  N N 62  
ASP CG   C  N N 63  
ASP OD1  O  N N 64  
ASP OD2  O  N N 65  
ASP OXT  O  N N 66  
ASP H    H  N N 67  
ASP H2   H  N N 68  
ASP HA   H  N N 69  
ASP HB2  H  N N 70  
ASP HB3  H  N N 71  
ASP HD2  H  N N 72  
ASP HXT  H  N N 73  
CYS N    N  N N 74  
CYS CA   C  N R 75  
CYS C    C  N N 76  
CYS O    O  N N 77  
CYS CB   C  N N 78  
CYS SG   S  N N 79  
CYS OXT  O  N N 80  
CYS H    H  N N 81  
CYS H2   H  N N 82  
CYS HA   H  N N 83  
CYS HB2  H  N N 84  
CYS HB3  H  N N 85  
CYS HG   H  N N 86  
CYS HXT  H  N N 87  
GLN N    N  N N 88  
GLN CA   C  N S 89  
GLN C    C  N N 90  
GLN O    O  N N 91  
GLN CB   C  N N 92  
GLN CG   C  N N 93  
GLN CD   C  N N 94  
GLN OE1  O  N N 95  
GLN NE2  N  N N 96  
GLN OXT  O  N N 97  
GLN H    H  N N 98  
GLN H2   H  N N 99  
GLN HA   H  N N 100 
GLN HB2  H  N N 101 
GLN HB3  H  N N 102 
GLN HG2  H  N N 103 
GLN HG3  H  N N 104 
GLN HE21 H  N N 105 
GLN HE22 H  N N 106 
GLN HXT  H  N N 107 
GLU N    N  N N 108 
GLU CA   C  N S 109 
GLU C    C  N N 110 
GLU O    O  N N 111 
GLU CB   C  N N 112 
GLU CG   C  N N 113 
GLU CD   C  N N 114 
GLU OE1  O  N N 115 
GLU OE2  O  N N 116 
GLU OXT  O  N N 117 
GLU H    H  N N 118 
GLU H2   H  N N 119 
GLU HA   H  N N 120 
GLU HB2  H  N N 121 
GLU HB3  H  N N 122 
GLU HG2  H  N N 123 
GLU HG3  H  N N 124 
GLU HE2  H  N N 125 
GLU HXT  H  N N 126 
GLY N    N  N N 127 
GLY CA   C  N N 128 
GLY C    C  N N 129 
GLY O    O  N N 130 
GLY OXT  O  N N 131 
GLY H    H  N N 132 
GLY H2   H  N N 133 
GLY HA2  H  N N 134 
GLY HA3  H  N N 135 
GLY HXT  H  N N 136 
HIS N    N  N N 137 
HIS CA   C  N S 138 
HIS C    C  N N 139 
HIS O    O  N N 140 
HIS CB   C  N N 141 
HIS CG   C  Y N 142 
HIS ND1  N  Y N 143 
HIS CD2  C  Y N 144 
HIS CE1  C  Y N 145 
HIS NE2  N  Y N 146 
HIS OXT  O  N N 147 
HIS H    H  N N 148 
HIS H2   H  N N 149 
HIS HA   H  N N 150 
HIS HB2  H  N N 151 
HIS HB3  H  N N 152 
HIS HD1  H  N N 153 
HIS HD2  H  N N 154 
HIS HE1  H  N N 155 
HIS HE2  H  N N 156 
HIS HXT  H  N N 157 
HOH O    O  N N 158 
HOH H1   H  N N 159 
HOH H2   H  N N 160 
ILE N    N  N N 161 
ILE CA   C  N S 162 
ILE C    C  N N 163 
ILE O    O  N N 164 
ILE CB   C  N S 165 
ILE CG1  C  N N 166 
ILE CG2  C  N N 167 
ILE CD1  C  N N 168 
ILE OXT  O  N N 169 
ILE H    H  N N 170 
ILE H2   H  N N 171 
ILE HA   H  N N 172 
ILE HB   H  N N 173 
ILE HG12 H  N N 174 
ILE HG13 H  N N 175 
ILE HG21 H  N N 176 
ILE HG22 H  N N 177 
ILE HG23 H  N N 178 
ILE HD11 H  N N 179 
ILE HD12 H  N N 180 
ILE HD13 H  N N 181 
ILE HXT  H  N N 182 
LEU N    N  N N 183 
LEU CA   C  N S 184 
LEU C    C  N N 185 
LEU O    O  N N 186 
LEU CB   C  N N 187 
LEU CG   C  N N 188 
LEU CD1  C  N N 189 
LEU CD2  C  N N 190 
LEU OXT  O  N N 191 
LEU H    H  N N 192 
LEU H2   H  N N 193 
LEU HA   H  N N 194 
LEU HB2  H  N N 195 
LEU HB3  H  N N 196 
LEU HG   H  N N 197 
LEU HD11 H  N N 198 
LEU HD12 H  N N 199 
LEU HD13 H  N N 200 
LEU HD21 H  N N 201 
LEU HD22 H  N N 202 
LEU HD23 H  N N 203 
LEU HXT  H  N N 204 
LYS N    N  N N 205 
LYS CA   C  N S 206 
LYS C    C  N N 207 
LYS O    O  N N 208 
LYS CB   C  N N 209 
LYS CG   C  N N 210 
LYS CD   C  N N 211 
LYS CE   C  N N 212 
LYS NZ   N  N N 213 
LYS OXT  O  N N 214 
LYS H    H  N N 215 
LYS H2   H  N N 216 
LYS HA   H  N N 217 
LYS HB2  H  N N 218 
LYS HB3  H  N N 219 
LYS HG2  H  N N 220 
LYS HG3  H  N N 221 
LYS HD2  H  N N 222 
LYS HD3  H  N N 223 
LYS HE2  H  N N 224 
LYS HE3  H  N N 225 
LYS HZ1  H  N N 226 
LYS HZ2  H  N N 227 
LYS HZ3  H  N N 228 
LYS HXT  H  N N 229 
M3L N    N  N N 230 
M3L CA   C  N S 231 
M3L CB   C  N N 232 
M3L CG   C  N N 233 
M3L CD   C  N N 234 
M3L CE   C  N N 235 
M3L NZ   N  N N 236 
M3L C    C  N N 237 
M3L O    O  N N 238 
M3L OXT  O  N N 239 
M3L CM1  C  N N 240 
M3L CM2  C  N N 241 
M3L CM3  C  N N 242 
M3L H    H  N N 243 
M3L H2   H  N N 244 
M3L HA   H  N N 245 
M3L HB2  H  N N 246 
M3L HB3  H  N N 247 
M3L HG2  H  N N 248 
M3L HG3  H  N N 249 
M3L HD2  H  N N 250 
M3L HD3  H  N N 251 
M3L HE2  H  N N 252 
M3L HE3  H  N N 253 
M3L HXT  H  N N 254 
M3L HM11 H  N N 255 
M3L HM12 H  N N 256 
M3L HM13 H  N N 257 
M3L HM21 H  N N 258 
M3L HM22 H  N N 259 
M3L HM23 H  N N 260 
M3L HM31 H  N N 261 
M3L HM32 H  N N 262 
M3L HM33 H  N N 263 
MET N    N  N N 264 
MET CA   C  N S 265 
MET C    C  N N 266 
MET O    O  N N 267 
MET CB   C  N N 268 
MET CG   C  N N 269 
MET SD   S  N N 270 
MET CE   C  N N 271 
MET OXT  O  N N 272 
MET H    H  N N 273 
MET H2   H  N N 274 
MET HA   H  N N 275 
MET HB2  H  N N 276 
MET HB3  H  N N 277 
MET HG2  H  N N 278 
MET HG3  H  N N 279 
MET HE1  H  N N 280 
MET HE2  H  N N 281 
MET HE3  H  N N 282 
MET HXT  H  N N 283 
PHE N    N  N N 284 
PHE CA   C  N S 285 
PHE C    C  N N 286 
PHE O    O  N N 287 
PHE CB   C  N N 288 
PHE CG   C  Y N 289 
PHE CD1  C  Y N 290 
PHE CD2  C  Y N 291 
PHE CE1  C  Y N 292 
PHE CE2  C  Y N 293 
PHE CZ   C  Y N 294 
PHE OXT  O  N N 295 
PHE H    H  N N 296 
PHE H2   H  N N 297 
PHE HA   H  N N 298 
PHE HB2  H  N N 299 
PHE HB3  H  N N 300 
PHE HD1  H  N N 301 
PHE HD2  H  N N 302 
PHE HE1  H  N N 303 
PHE HE2  H  N N 304 
PHE HZ   H  N N 305 
PHE HXT  H  N N 306 
PRO N    N  N N 307 
PRO CA   C  N S 308 
PRO C    C  N N 309 
PRO O    O  N N 310 
PRO CB   C  N N 311 
PRO CG   C  N N 312 
PRO CD   C  N N 313 
PRO OXT  O  N N 314 
PRO H    H  N N 315 
PRO HA   H  N N 316 
PRO HB2  H  N N 317 
PRO HB3  H  N N 318 
PRO HG2  H  N N 319 
PRO HG3  H  N N 320 
PRO HD2  H  N N 321 
PRO HD3  H  N N 322 
PRO HXT  H  N N 323 
SER N    N  N N 324 
SER CA   C  N S 325 
SER C    C  N N 326 
SER O    O  N N 327 
SER CB   C  N N 328 
SER OG   O  N N 329 
SER OXT  O  N N 330 
SER H    H  N N 331 
SER H2   H  N N 332 
SER HA   H  N N 333 
SER HB2  H  N N 334 
SER HB3  H  N N 335 
SER HG   H  N N 336 
SER HXT  H  N N 337 
THR N    N  N N 338 
THR CA   C  N S 339 
THR C    C  N N 340 
THR O    O  N N 341 
THR CB   C  N R 342 
THR OG1  O  N N 343 
THR CG2  C  N N 344 
THR OXT  O  N N 345 
THR H    H  N N 346 
THR H2   H  N N 347 
THR HA   H  N N 348 
THR HB   H  N N 349 
THR HG1  H  N N 350 
THR HG21 H  N N 351 
THR HG22 H  N N 352 
THR HG23 H  N N 353 
THR HXT  H  N N 354 
TRP N    N  N N 355 
TRP CA   C  N S 356 
TRP C    C  N N 357 
TRP O    O  N N 358 
TRP CB   C  N N 359 
TRP CG   C  Y N 360 
TRP CD1  C  Y N 361 
TRP CD2  C  Y N 362 
TRP NE1  N  Y N 363 
TRP CE2  C  Y N 364 
TRP CE3  C  Y N 365 
TRP CZ2  C  Y N 366 
TRP CZ3  C  Y N 367 
TRP CH2  C  Y N 368 
TRP OXT  O  N N 369 
TRP H    H  N N 370 
TRP H2   H  N N 371 
TRP HA   H  N N 372 
TRP HB2  H  N N 373 
TRP HB3  H  N N 374 
TRP HD1  H  N N 375 
TRP HE1  H  N N 376 
TRP HE3  H  N N 377 
TRP HZ2  H  N N 378 
TRP HZ3  H  N N 379 
TRP HH2  H  N N 380 
TRP HXT  H  N N 381 
VAL N    N  N N 382 
VAL CA   C  N S 383 
VAL C    C  N N 384 
VAL O    O  N N 385 
VAL CB   C  N N 386 
VAL CG1  C  N N 387 
VAL CG2  C  N N 388 
VAL OXT  O  N N 389 
VAL H    H  N N 390 
VAL H2   H  N N 391 
VAL HA   H  N N 392 
VAL HB   H  N N 393 
VAL HG11 H  N N 394 
VAL HG12 H  N N 395 
VAL HG13 H  N N 396 
VAL HG21 H  N N 397 
VAL HG22 H  N N 398 
VAL HG23 H  N N 399 
VAL HXT  H  N N 400 
ZN  ZN   ZN N N 401 
# 
loop_
_chem_comp_bond.comp_id 
_chem_comp_bond.atom_id_1 
_chem_comp_bond.atom_id_2 
_chem_comp_bond.value_order 
_chem_comp_bond.pdbx_aromatic_flag 
_chem_comp_bond.pdbx_stereo_config 
_chem_comp_bond.pdbx_ordinal 
ALA N   CA   sing N N 1   
ALA N   H    sing N N 2   
ALA N   H2   sing N N 3   
ALA CA  C    sing N N 4   
ALA CA  CB   sing N N 5   
ALA CA  HA   sing N N 6   
ALA C   O    doub N N 7   
ALA C   OXT  sing N N 8   
ALA CB  HB1  sing N N 9   
ALA CB  HB2  sing N N 10  
ALA CB  HB3  sing N N 11  
ALA OXT HXT  sing N N 12  
ARG N   CA   sing N N 13  
ARG N   H    sing N N 14  
ARG N   H2   sing N N 15  
ARG CA  C    sing N N 16  
ARG CA  CB   sing N N 17  
ARG CA  HA   sing N N 18  
ARG C   O    doub N N 19  
ARG C   OXT  sing N N 20  
ARG CB  CG   sing N N 21  
ARG CB  HB2  sing N N 22  
ARG CB  HB3  sing N N 23  
ARG CG  CD   sing N N 24  
ARG CG  HG2  sing N N 25  
ARG CG  HG3  sing N N 26  
ARG CD  NE   sing N N 27  
ARG CD  HD2  sing N N 28  
ARG CD  HD3  sing N N 29  
ARG NE  CZ   sing N N 30  
ARG NE  HE   sing N N 31  
ARG CZ  NH1  sing N N 32  
ARG CZ  NH2  doub N N 33  
ARG NH1 HH11 sing N N 34  
ARG NH1 HH12 sing N N 35  
ARG NH2 HH21 sing N N 36  
ARG NH2 HH22 sing N N 37  
ARG OXT HXT  sing N N 38  
ASN N   CA   sing N N 39  
ASN N   H    sing N N 40  
ASN N   H2   sing N N 41  
ASN CA  C    sing N N 42  
ASN CA  CB   sing N N 43  
ASN CA  HA   sing N N 44  
ASN C   O    doub N N 45  
ASN C   OXT  sing N N 46  
ASN CB  CG   sing N N 47  
ASN CB  HB2  sing N N 48  
ASN CB  HB3  sing N N 49  
ASN CG  OD1  doub N N 50  
ASN CG  ND2  sing N N 51  
ASN ND2 HD21 sing N N 52  
ASN ND2 HD22 sing N N 53  
ASN OXT HXT  sing N N 54  
ASP N   CA   sing N N 55  
ASP N   H    sing N N 56  
ASP N   H2   sing N N 57  
ASP CA  C    sing N N 58  
ASP CA  CB   sing N N 59  
ASP CA  HA   sing N N 60  
ASP C   O    doub N N 61  
ASP C   OXT  sing N N 62  
ASP CB  CG   sing N N 63  
ASP CB  HB2  sing N N 64  
ASP CB  HB3  sing N N 65  
ASP CG  OD1  doub N N 66  
ASP CG  OD2  sing N N 67  
ASP OD2 HD2  sing N N 68  
ASP OXT HXT  sing N N 69  
CYS N   CA   sing N N 70  
CYS N   H    sing N N 71  
CYS N   H2   sing N N 72  
CYS CA  C    sing N N 73  
CYS CA  CB   sing N N 74  
CYS CA  HA   sing N N 75  
CYS C   O    doub N N 76  
CYS C   OXT  sing N N 77  
CYS CB  SG   sing N N 78  
CYS CB  HB2  sing N N 79  
CYS CB  HB3  sing N N 80  
CYS SG  HG   sing N N 81  
CYS OXT HXT  sing N N 82  
GLN N   CA   sing N N 83  
GLN N   H    sing N N 84  
GLN N   H2   sing N N 85  
GLN CA  C    sing N N 86  
GLN CA  CB   sing N N 87  
GLN CA  HA   sing N N 88  
GLN C   O    doub N N 89  
GLN C   OXT  sing N N 90  
GLN CB  CG   sing N N 91  
GLN CB  HB2  sing N N 92  
GLN CB  HB3  sing N N 93  
GLN CG  CD   sing N N 94  
GLN CG  HG2  sing N N 95  
GLN CG  HG3  sing N N 96  
GLN CD  OE1  doub N N 97  
GLN CD  NE2  sing N N 98  
GLN NE2 HE21 sing N N 99  
GLN NE2 HE22 sing N N 100 
GLN OXT HXT  sing N N 101 
GLU N   CA   sing N N 102 
GLU N   H    sing N N 103 
GLU N   H2   sing N N 104 
GLU CA  C    sing N N 105 
GLU CA  CB   sing N N 106 
GLU CA  HA   sing N N 107 
GLU C   O    doub N N 108 
GLU C   OXT  sing N N 109 
GLU CB  CG   sing N N 110 
GLU CB  HB2  sing N N 111 
GLU CB  HB3  sing N N 112 
GLU CG  CD   sing N N 113 
GLU CG  HG2  sing N N 114 
GLU CG  HG3  sing N N 115 
GLU CD  OE1  doub N N 116 
GLU CD  OE2  sing N N 117 
GLU OE2 HE2  sing N N 118 
GLU OXT HXT  sing N N 119 
GLY N   CA   sing N N 120 
GLY N   H    sing N N 121 
GLY N   H2   sing N N 122 
GLY CA  C    sing N N 123 
GLY CA  HA2  sing N N 124 
GLY CA  HA3  sing N N 125 
GLY C   O    doub N N 126 
GLY C   OXT  sing N N 127 
GLY OXT HXT  sing N N 128 
HIS N   CA   sing N N 129 
HIS N   H    sing N N 130 
HIS N   H2   sing N N 131 
HIS CA  C    sing N N 132 
HIS CA  CB   sing N N 133 
HIS CA  HA   sing N N 134 
HIS C   O    doub N N 135 
HIS C   OXT  sing N N 136 
HIS CB  CG   sing N N 137 
HIS CB  HB2  sing N N 138 
HIS CB  HB3  sing N N 139 
HIS CG  ND1  sing Y N 140 
HIS CG  CD2  doub Y N 141 
HIS ND1 CE1  doub Y N 142 
HIS ND1 HD1  sing N N 143 
HIS CD2 NE2  sing Y N 144 
HIS CD2 HD2  sing N N 145 
HIS CE1 NE2  sing Y N 146 
HIS CE1 HE1  sing N N 147 
HIS NE2 HE2  sing N N 148 
HIS OXT HXT  sing N N 149 
HOH O   H1   sing N N 150 
HOH O   H2   sing N N 151 
ILE N   CA   sing N N 152 
ILE N   H    sing N N 153 
ILE N   H2   sing N N 154 
ILE CA  C    sing N N 155 
ILE CA  CB   sing N N 156 
ILE CA  HA   sing N N 157 
ILE C   O    doub N N 158 
ILE C   OXT  sing N N 159 
ILE CB  CG1  sing N N 160 
ILE CB  CG2  sing N N 161 
ILE CB  HB   sing N N 162 
ILE CG1 CD1  sing N N 163 
ILE CG1 HG12 sing N N 164 
ILE CG1 HG13 sing N N 165 
ILE CG2 HG21 sing N N 166 
ILE CG2 HG22 sing N N 167 
ILE CG2 HG23 sing N N 168 
ILE CD1 HD11 sing N N 169 
ILE CD1 HD12 sing N N 170 
ILE CD1 HD13 sing N N 171 
ILE OXT HXT  sing N N 172 
LEU N   CA   sing N N 173 
LEU N   H    sing N N 174 
LEU N   H2   sing N N 175 
LEU CA  C    sing N N 176 
LEU CA  CB   sing N N 177 
LEU CA  HA   sing N N 178 
LEU C   O    doub N N 179 
LEU C   OXT  sing N N 180 
LEU CB  CG   sing N N 181 
LEU CB  HB2  sing N N 182 
LEU CB  HB3  sing N N 183 
LEU CG  CD1  sing N N 184 
LEU CG  CD2  sing N N 185 
LEU CG  HG   sing N N 186 
LEU CD1 HD11 sing N N 187 
LEU CD1 HD12 sing N N 188 
LEU CD1 HD13 sing N N 189 
LEU CD2 HD21 sing N N 190 
LEU CD2 HD22 sing N N 191 
LEU CD2 HD23 sing N N 192 
LEU OXT HXT  sing N N 193 
LYS N   CA   sing N N 194 
LYS N   H    sing N N 195 
LYS N   H2   sing N N 196 
LYS CA  C    sing N N 197 
LYS CA  CB   sing N N 198 
LYS CA  HA   sing N N 199 
LYS C   O    doub N N 200 
LYS C   OXT  sing N N 201 
LYS CB  CG   sing N N 202 
LYS CB  HB2  sing N N 203 
LYS CB  HB3  sing N N 204 
LYS CG  CD   sing N N 205 
LYS CG  HG2  sing N N 206 
LYS CG  HG3  sing N N 207 
LYS CD  CE   sing N N 208 
LYS CD  HD2  sing N N 209 
LYS CD  HD3  sing N N 210 
LYS CE  NZ   sing N N 211 
LYS CE  HE2  sing N N 212 
LYS CE  HE3  sing N N 213 
LYS NZ  HZ1  sing N N 214 
LYS NZ  HZ2  sing N N 215 
LYS NZ  HZ3  sing N N 216 
LYS OXT HXT  sing N N 217 
M3L N   CA   sing N N 218 
M3L N   H    sing N N 219 
M3L N   H2   sing N N 220 
M3L CA  CB   sing N N 221 
M3L CA  C    sing N N 222 
M3L CA  HA   sing N N 223 
M3L CB  CG   sing N N 224 
M3L CB  HB2  sing N N 225 
M3L CB  HB3  sing N N 226 
M3L CG  CD   sing N N 227 
M3L CG  HG2  sing N N 228 
M3L CG  HG3  sing N N 229 
M3L CD  CE   sing N N 230 
M3L CD  HD2  sing N N 231 
M3L CD  HD3  sing N N 232 
M3L CE  NZ   sing N N 233 
M3L CE  HE2  sing N N 234 
M3L CE  HE3  sing N N 235 
M3L NZ  CM1  sing N N 236 
M3L NZ  CM2  sing N N 237 
M3L NZ  CM3  sing N N 238 
M3L C   O    doub N N 239 
M3L C   OXT  sing N N 240 
M3L OXT HXT  sing N N 241 
M3L CM1 HM11 sing N N 242 
M3L CM1 HM12 sing N N 243 
M3L CM1 HM13 sing N N 244 
M3L CM2 HM21 sing N N 245 
M3L CM2 HM22 sing N N 246 
M3L CM2 HM23 sing N N 247 
M3L CM3 HM31 sing N N 248 
M3L CM3 HM32 sing N N 249 
M3L CM3 HM33 sing N N 250 
MET N   CA   sing N N 251 
MET N   H    sing N N 252 
MET N   H2   sing N N 253 
MET CA  C    sing N N 254 
MET CA  CB   sing N N 255 
MET CA  HA   sing N N 256 
MET C   O    doub N N 257 
MET C   OXT  sing N N 258 
MET CB  CG   sing N N 259 
MET CB  HB2  sing N N 260 
MET CB  HB3  sing N N 261 
MET CG  SD   sing N N 262 
MET CG  HG2  sing N N 263 
MET CG  HG3  sing N N 264 
MET SD  CE   sing N N 265 
MET CE  HE1  sing N N 266 
MET CE  HE2  sing N N 267 
MET CE  HE3  sing N N 268 
MET OXT HXT  sing N N 269 
PHE N   CA   sing N N 270 
PHE N   H    sing N N 271 
PHE N   H2   sing N N 272 
PHE CA  C    sing N N 273 
PHE CA  CB   sing N N 274 
PHE CA  HA   sing N N 275 
PHE C   O    doub N N 276 
PHE C   OXT  sing N N 277 
PHE CB  CG   sing N N 278 
PHE CB  HB2  sing N N 279 
PHE CB  HB3  sing N N 280 
PHE CG  CD1  doub Y N 281 
PHE CG  CD2  sing Y N 282 
PHE CD1 CE1  sing Y N 283 
PHE CD1 HD1  sing N N 284 
PHE CD2 CE2  doub Y N 285 
PHE CD2 HD2  sing N N 286 
PHE CE1 CZ   doub Y N 287 
PHE CE1 HE1  sing N N 288 
PHE CE2 CZ   sing Y N 289 
PHE CE2 HE2  sing N N 290 
PHE CZ  HZ   sing N N 291 
PHE OXT HXT  sing N N 292 
PRO N   CA   sing N N 293 
PRO N   CD   sing N N 294 
PRO N   H    sing N N 295 
PRO CA  C    sing N N 296 
PRO CA  CB   sing N N 297 
PRO CA  HA   sing N N 298 
PRO C   O    doub N N 299 
PRO C   OXT  sing N N 300 
PRO CB  CG   sing N N 301 
PRO CB  HB2  sing N N 302 
PRO CB  HB3  sing N N 303 
PRO CG  CD   sing N N 304 
PRO CG  HG2  sing N N 305 
PRO CG  HG3  sing N N 306 
PRO CD  HD2  sing N N 307 
PRO CD  HD3  sing N N 308 
PRO OXT HXT  sing N N 309 
SER N   CA   sing N N 310 
SER N   H    sing N N 311 
SER N   H2   sing N N 312 
SER CA  C    sing N N 313 
SER CA  CB   sing N N 314 
SER CA  HA   sing N N 315 
SER C   O    doub N N 316 
SER C   OXT  sing N N 317 
SER CB  OG   sing N N 318 
SER CB  HB2  sing N N 319 
SER CB  HB3  sing N N 320 
SER OG  HG   sing N N 321 
SER OXT HXT  sing N N 322 
THR N   CA   sing N N 323 
THR N   H    sing N N 324 
THR N   H2   sing N N 325 
THR CA  C    sing N N 326 
THR CA  CB   sing N N 327 
THR CA  HA   sing N N 328 
THR C   O    doub N N 329 
THR C   OXT  sing N N 330 
THR CB  OG1  sing N N 331 
THR CB  CG2  sing N N 332 
THR CB  HB   sing N N 333 
THR OG1 HG1  sing N N 334 
THR CG2 HG21 sing N N 335 
THR CG2 HG22 sing N N 336 
THR CG2 HG23 sing N N 337 
THR OXT HXT  sing N N 338 
TRP N   CA   sing N N 339 
TRP N   H    sing N N 340 
TRP N   H2   sing N N 341 
TRP CA  C    sing N N 342 
TRP CA  CB   sing N N 343 
TRP CA  HA   sing N N 344 
TRP C   O    doub N N 345 
TRP C   OXT  sing N N 346 
TRP CB  CG   sing N N 347 
TRP CB  HB2  sing N N 348 
TRP CB  HB3  sing N N 349 
TRP CG  CD1  doub Y N 350 
TRP CG  CD2  sing Y N 351 
TRP CD1 NE1  sing Y N 352 
TRP CD1 HD1  sing N N 353 
TRP CD2 CE2  doub Y N 354 
TRP CD2 CE3  sing Y N 355 
TRP NE1 CE2  sing Y N 356 
TRP NE1 HE1  sing N N 357 
TRP CE2 CZ2  sing Y N 358 
TRP CE3 CZ3  doub Y N 359 
TRP CE3 HE3  sing N N 360 
TRP CZ2 CH2  doub Y N 361 
TRP CZ2 HZ2  sing N N 362 
TRP CZ3 CH2  sing Y N 363 
TRP CZ3 HZ3  sing N N 364 
TRP CH2 HH2  sing N N 365 
TRP OXT HXT  sing N N 366 
VAL N   CA   sing N N 367 
VAL N   H    sing N N 368 
VAL N   H2   sing N N 369 
VAL CA  C    sing N N 370 
VAL CA  CB   sing N N 371 
VAL CA  HA   sing N N 372 
VAL C   O    doub N N 373 
VAL C   OXT  sing N N 374 
VAL CB  CG1  sing N N 375 
VAL CB  CG2  sing N N 376 
VAL CB  HB   sing N N 377 
VAL CG1 HG11 sing N N 378 
VAL CG1 HG12 sing N N 379 
VAL CG1 HG13 sing N N 380 
VAL CG2 HG21 sing N N 381 
VAL CG2 HG22 sing N N 382 
VAL CG2 HG23 sing N N 383 
VAL OXT HXT  sing N N 384 
# 
loop_
_pdbx_audit_support.funding_organization 
_pdbx_audit_support.country 
_pdbx_audit_support.grant_number 
_pdbx_audit_support.ordinal 
'National Institutes of Health/National Institute of General Medical Sciences (NIH/NIGMS)'     'United States' GM106416    1 
'National Institutes of Health/National Institute of General Medical Sciences (NIH/NIGMS)'     'United States' GM101664    2 
'National Institutes of Health/National Institute of General Medical Sciences (NIH/NIGMS)'     'United States' GM100907    3 
'National Institutes of Health/National Institute on Alcohol Abuse and Alcoholism (NIH/NIAAA)' 'United States' T32AA007464 4 
# 
_pdbx_entity_instance_feature.ordinal        1 
_pdbx_entity_instance_feature.comp_id        M3L 
_pdbx_entity_instance_feature.asym_id        ? 
_pdbx_entity_instance_feature.seq_num        ? 
_pdbx_entity_instance_feature.auth_comp_id   M3L 
_pdbx_entity_instance_feature.auth_asym_id   ? 
_pdbx_entity_instance_feature.auth_seq_num   ? 
_pdbx_entity_instance_feature.feature_type   'SUBJECT OF INVESTIGATION' 
_pdbx_entity_instance_feature.details        ? 
# 
loop_
_pdbx_entity_nonpoly.entity_id 
_pdbx_entity_nonpoly.name 
_pdbx_entity_nonpoly.comp_id 
3 'ZINC ION' ZN  
4 water      HOH 
# 
_pdbx_initial_refinement_model.id               1 
_pdbx_initial_refinement_model.entity_id_list   ? 
_pdbx_initial_refinement_model.type             'experimental model' 
_pdbx_initial_refinement_model.source_name      PDB 
_pdbx_initial_refinement_model.accession_code   4L7X 
_pdbx_initial_refinement_model.details          ? 
# 
_pdbx_struct_assembly_auth_evidence.id                     1 
_pdbx_struct_assembly_auth_evidence.assembly_id            1 
_pdbx_struct_assembly_auth_evidence.experimental_support   'assay for oligomerization' 
_pdbx_struct_assembly_auth_evidence.details                'HSQC NMR titration' 
# 
